data_6OG2
#
_entry.id   6OG2
#
loop_
_entity.id
_entity.type
_entity.pdbx_description
1 polymer 'Hyperactive disaggregase ClpB'
2 non-polymer "ADENOSINE-5'-DIPHOSPHATE"
#
_entity_poly.entity_id   1
_entity_poly.type   'polypeptide(L)'
_entity_poly.pdbx_seq_one_letter_code
;MRLDRLTNKFQLALADAQSLALGHDNQFIEPLHLMSALLNQEGGSVSPLLTSAGINAGQLRTDINQALNRLPQVEGTGGD
VQPSQDLVRVLNLCDNVAQKRGDNFISSELFVLAALESRGTVADILKAAGATTANITQAIEQMRGGESVNDQGAEDQRQA
LKKYTIDLTERAEQGKLDPVIGRDEEIRRTIQVLQRRTKNNPVLIGEPGVGKTAIVEGLAQRIINGEVPEGLKGRRVLAL
DMGALVAGAKYRGEFEERLKGVLNDLAKQEGNVILFIDELHTMVGAGKADGAMDAGNMLKPALARGELHCVGATTLDEYR
QYIEKDAALERRFQKVFVAEPSVEDTIAILRGLKERYELHHHVQITDPAIVAAATLSHRYIADRQLPDKAIDLIDEAASS
IRMQIDSKPEELDRLDRRIIQLKLEQQALMKESDEASKKRLDMLNEELSDKERQYSELEEEWKAEKASLSGTQTIKCELE
QAKIAIEQARRVGDLARMSELQYGKIPELEKQLEAATQLEGKTMRLLRNKVTDAEIAEVLARWTGIPVSRMMESEREKLL
RMEQELHHRVIGQNEAVDAVSNAIRRSRAGLADPNRPIGSFLFLGPTGVGKTELCKALANFMFDSDEAMVRIDMSEFMEK
HSVSRLVGAPPGYVGYEEGGYLTEAVRRRPYSVILLDEVEKAHPDVFNILLQVLDDGRLTDGQGRTVDFRNTVVIMTSNL
GSDLIQERFGELDYAHMKELVLGVVSHNFRPEFINRIDEVVVFHPLGEQHIASIAQIQLKRLYKRLEERGYEIHISDEAL
KLLSENGYDPVYGARPLKRAIQQQIENPLAQQILSGELVPGKVIRLEVNEDRIVAVQRSRSHHHHHH
;
_entity_poly.pdbx_strand_id   F,A
#
# COMPACT_ATOMS: atom_id res chain seq x y z
N LEU A 161 -27.83 27.91 25.84
CA LEU A 161 -28.85 28.38 26.77
C LEU A 161 -30.19 27.71 26.48
N LYS A 162 -30.95 28.29 25.56
CA LYS A 162 -32.28 27.78 25.26
C LYS A 162 -32.56 27.58 23.77
N LYS A 163 -32.08 28.49 22.91
CA LYS A 163 -32.45 28.48 21.51
C LYS A 163 -31.30 28.76 20.55
N TYR A 164 -30.09 29.01 21.05
CA TYR A 164 -28.98 29.37 20.18
C TYR A 164 -28.40 28.16 19.47
N THR A 165 -28.65 26.95 19.97
CA THR A 165 -28.11 25.72 19.43
C THR A 165 -29.22 24.70 19.20
N ILE A 166 -28.83 23.57 18.59
CA ILE A 166 -29.73 22.43 18.39
C ILE A 166 -29.13 21.17 19.00
N ASP A 167 -29.63 20.82 20.19
CA ASP A 167 -29.18 19.62 20.89
C ASP A 167 -29.74 18.39 20.20
N LEU A 168 -28.85 17.56 19.64
CA LEU A 168 -29.30 16.33 19.00
C LEU A 168 -29.77 15.31 20.03
N THR A 169 -29.28 15.39 21.27
CA THR A 169 -29.82 14.55 22.33
C THR A 169 -31.23 15.01 22.72
N GLU A 170 -31.55 16.28 22.47
CA GLU A 170 -32.93 16.74 22.66
C GLU A 170 -33.83 16.27 21.53
N ARG A 171 -33.25 15.82 20.40
CA ARG A 171 -34.02 15.03 19.45
C ARG A 171 -34.04 13.57 19.85
N ALA A 172 -33.06 13.14 20.65
CA ALA A 172 -32.96 11.76 21.08
C ALA A 172 -33.63 11.48 22.42
N GLU A 173 -34.12 12.51 23.12
CA GLU A 173 -34.92 12.26 24.31
C GLU A 173 -36.29 11.72 23.93
N GLN A 174 -36.76 12.06 22.73
CA GLN A 174 -37.93 11.43 22.14
C GLN A 174 -37.57 10.26 21.25
N GLY A 175 -36.40 10.32 20.61
CA GLY A 175 -35.95 9.24 19.77
C GLY A 175 -35.96 9.55 18.29
N LYS A 176 -35.63 10.79 17.92
CA LYS A 176 -35.65 11.19 16.52
C LYS A 176 -34.28 11.04 15.86
N LEU A 177 -33.61 9.91 16.04
CA LEU A 177 -32.32 9.67 15.38
C LEU A 177 -32.33 8.24 14.80
N ASP A 178 -31.15 7.78 14.41
CA ASP A 178 -30.99 6.49 13.72
C ASP A 178 -30.34 5.48 14.64
N PRO A 179 -30.87 4.27 14.79
CA PRO A 179 -30.18 3.23 15.56
C PRO A 179 -28.97 2.70 14.81
N VAL A 180 -28.09 2.06 15.57
CA VAL A 180 -26.87 1.47 15.04
C VAL A 180 -26.90 -0.03 15.26
N ILE A 181 -26.65 -0.79 14.19
CA ILE A 181 -26.54 -2.24 14.25
C ILE A 181 -25.23 -2.63 13.58
N GLY A 182 -24.46 -3.50 14.24
CA GLY A 182 -23.20 -3.98 13.70
C GLY A 182 -22.01 -3.09 13.91
N ARG A 183 -22.21 -1.76 13.98
CA ARG A 183 -21.13 -0.81 14.23
C ARG A 183 -20.99 -0.49 15.72
N ASP A 184 -21.26 -1.47 16.59
CA ASP A 184 -21.25 -1.25 18.02
C ASP A 184 -19.83 -1.20 18.60
N GLU A 185 -18.83 -1.68 17.85
CA GLU A 185 -17.48 -1.67 18.39
C GLU A 185 -16.80 -0.31 18.18
N GLU A 186 -17.19 0.42 17.12
CA GLU A 186 -16.67 1.76 16.93
C GLU A 186 -17.45 2.81 17.71
N ILE A 187 -18.59 2.46 18.29
CA ILE A 187 -19.24 3.38 19.22
C ILE A 187 -18.77 3.13 20.66
N ARG A 188 -18.27 1.93 20.96
CA ARG A 188 -17.53 1.75 22.20
C ARG A 188 -16.12 2.30 22.09
N ARG A 189 -15.67 2.59 20.86
CA ARG A 189 -14.43 3.30 20.65
C ARG A 189 -14.61 4.80 20.91
N THR A 190 -15.81 5.34 20.67
CA THR A 190 -16.06 6.76 20.86
C THR A 190 -16.02 7.14 22.34
N ILE A 191 -16.62 6.32 23.19
CA ILE A 191 -16.52 6.56 24.62
C ILE A 191 -15.12 6.27 25.13
N GLN A 192 -14.40 5.33 24.48
CA GLN A 192 -13.06 4.95 24.90
C GLN A 192 -12.05 6.06 24.68
N VAL A 193 -12.36 7.02 23.82
CA VAL A 193 -11.52 8.20 23.69
C VAL A 193 -11.99 9.30 24.65
N LEU A 194 -13.30 9.51 24.73
CA LEU A 194 -13.82 10.68 25.44
C LEU A 194 -13.69 10.55 26.95
N GLN A 195 -13.52 9.34 27.47
CA GLN A 195 -13.34 9.17 28.90
C GLN A 195 -11.95 9.57 29.37
N ARG A 196 -11.01 9.84 28.46
CA ARG A 196 -9.65 10.20 28.80
C ARG A 196 -9.59 11.56 29.49
N ARG A 197 -8.47 11.80 30.18
CA ARG A 197 -8.13 13.13 30.69
C ARG A 197 -7.39 13.95 29.65
N THR A 198 -6.32 13.39 29.10
CA THR A 198 -5.58 14.00 28.02
C THR A 198 -6.11 13.48 26.69
N LYS A 199 -6.23 14.39 25.73
CA LYS A 199 -6.69 14.18 24.33
C LYS A 199 -7.97 13.33 24.27
N ASN A 200 -9.07 13.94 24.73
CA ASN A 200 -10.34 13.24 24.86
C ASN A 200 -11.41 13.67 23.84
N ASN A 201 -11.02 13.85 22.57
CA ASN A 201 -11.98 14.20 21.53
C ASN A 201 -11.93 13.16 20.41
N PRO A 202 -13.05 12.58 20.02
CA PRO A 202 -13.05 11.59 18.93
C PRO A 202 -13.33 12.19 17.57
N VAL A 203 -12.86 11.51 16.53
CA VAL A 203 -13.13 11.89 15.15
C VAL A 203 -13.58 10.65 14.39
N LEU A 204 -14.77 10.72 13.80
CA LEU A 204 -15.35 9.58 13.09
C LEU A 204 -14.90 9.63 11.63
N ILE A 205 -13.68 9.13 11.40
CA ILE A 205 -13.13 9.07 10.06
C ILE A 205 -13.75 7.91 9.30
N GLY A 206 -14.27 8.20 8.10
CA GLY A 206 -14.71 7.16 7.21
C GLY A 206 -14.31 7.45 5.78
N GLU A 207 -14.77 6.58 4.89
CA GLU A 207 -14.74 6.84 3.45
C GLU A 207 -15.89 7.78 3.08
N PRO A 208 -16.04 8.20 1.79
CA PRO A 208 -17.24 8.96 1.43
C PRO A 208 -18.55 8.23 1.69
N GLY A 209 -19.25 8.68 2.73
CA GLY A 209 -20.57 8.20 3.06
C GLY A 209 -20.62 6.83 3.71
N VAL A 210 -20.08 6.70 4.91
CA VAL A 210 -20.10 5.42 5.61
C VAL A 210 -20.96 5.42 6.85
N GLY A 211 -21.40 6.57 7.35
CA GLY A 211 -22.12 6.60 8.61
C GLY A 211 -21.30 7.27 9.69
N LYS A 212 -20.45 8.21 9.28
CA LYS A 212 -19.72 9.02 10.25
C LYS A 212 -20.67 9.92 11.02
N THR A 213 -21.79 10.30 10.40
CA THR A 213 -22.86 10.94 11.16
C THR A 213 -23.53 9.94 12.10
N ALA A 214 -23.66 8.69 11.65
CA ALA A 214 -24.52 7.69 12.29
C ALA A 214 -24.03 7.26 13.66
N ILE A 215 -22.75 7.47 13.96
CA ILE A 215 -22.21 7.04 15.25
C ILE A 215 -22.70 7.95 16.36
N VAL A 216 -22.66 9.26 16.13
CA VAL A 216 -23.25 10.22 17.07
C VAL A 216 -24.76 10.10 17.06
N GLU A 217 -25.35 9.76 15.90
CA GLU A 217 -26.77 9.37 15.86
C GLU A 217 -27.01 8.13 16.71
N GLY A 218 -26.07 7.18 16.70
CA GLY A 218 -26.15 6.06 17.61
C GLY A 218 -25.75 6.41 19.03
N LEU A 219 -24.84 7.36 19.19
CA LEU A 219 -24.44 7.79 20.54
C LEU A 219 -25.56 8.56 21.22
N ALA A 220 -26.39 9.24 20.44
CA ALA A 220 -27.48 10.04 21.02
C ALA A 220 -28.55 9.16 21.64
N GLN A 221 -28.80 7.99 21.08
CA GLN A 221 -29.77 7.06 21.66
C GLN A 221 -29.15 6.08 22.65
N ARG A 222 -28.00 6.44 23.22
CA ARG A 222 -27.40 5.68 24.30
C ARG A 222 -27.19 6.53 25.56
N ILE A 223 -27.32 7.85 25.44
CA ILE A 223 -27.11 8.73 26.59
C ILE A 223 -28.36 8.80 27.46
N ILE A 224 -29.50 9.10 26.85
CA ILE A 224 -30.76 9.07 27.59
C ILE A 224 -31.16 7.64 27.88
N ASN A 225 -30.89 6.70 26.97
CA ASN A 225 -31.17 5.29 27.20
C ASN A 225 -30.26 4.68 28.25
N GLY A 226 -29.14 5.31 28.59
CA GLY A 226 -28.28 4.82 29.65
C GLY A 226 -27.36 3.69 29.25
N GLU A 227 -27.19 3.42 27.97
CA GLU A 227 -26.29 2.37 27.52
C GLU A 227 -24.85 2.84 27.44
N VAL A 228 -24.60 4.13 27.66
CA VAL A 228 -23.26 4.67 27.84
C VAL A 228 -22.78 4.30 29.24
N PRO A 229 -21.47 4.36 29.51
CA PRO A 229 -21.00 4.22 30.89
C PRO A 229 -21.44 5.36 31.77
N GLU A 230 -21.28 5.13 33.09
CA GLU A 230 -21.87 5.96 34.14
C GLU A 230 -21.27 7.35 34.24
N GLY A 231 -20.20 7.67 33.51
CA GLY A 231 -19.65 9.01 33.50
C GLY A 231 -20.25 9.93 32.47
N LEU A 232 -20.88 9.39 31.43
CA LEU A 232 -21.56 10.20 30.43
C LEU A 232 -23.03 10.40 30.72
N LYS A 233 -23.47 10.09 31.94
CA LYS A 233 -24.84 10.33 32.34
C LYS A 233 -25.02 11.81 32.66
N GLY A 234 -25.96 12.45 31.96
CA GLY A 234 -26.20 13.86 32.10
C GLY A 234 -25.51 14.73 31.07
N ARG A 235 -24.36 14.29 30.57
CA ARG A 235 -23.64 15.04 29.54
C ARG A 235 -24.35 14.84 28.20
N ARG A 236 -25.02 15.89 27.74
CA ARG A 236 -25.85 15.82 26.54
C ARG A 236 -25.05 16.33 25.35
N VAL A 237 -24.96 15.51 24.31
CA VAL A 237 -24.10 15.78 23.17
C VAL A 237 -24.90 16.59 22.15
N LEU A 238 -24.35 17.74 21.77
CA LEU A 238 -24.96 18.69 20.85
C LEU A 238 -24.45 18.38 19.43
N ALA A 239 -24.66 19.31 18.50
CA ALA A 239 -24.03 19.29 17.20
C ALA A 239 -23.65 20.71 16.81
N LEU A 240 -22.66 20.83 15.93
CA LEU A 240 -22.27 22.12 15.36
C LEU A 240 -23.37 22.60 14.44
N ASP A 241 -24.10 23.63 14.85
CA ASP A 241 -25.10 24.24 14.00
C ASP A 241 -24.42 25.25 13.08
N MET A 242 -24.67 25.12 11.77
CA MET A 242 -24.11 26.03 10.77
C MET A 242 -25.03 27.24 10.56
N GLY A 243 -26.34 27.01 10.58
CA GLY A 243 -27.29 28.06 10.27
C GLY A 243 -27.47 29.10 11.37
N ALA A 244 -27.03 28.80 12.58
CA ALA A 244 -27.06 29.75 13.69
C ALA A 244 -25.80 30.61 13.76
N LEU A 245 -25.07 30.75 12.66
CA LEU A 245 -23.82 31.47 12.64
C LEU A 245 -23.79 32.61 11.63
N VAL A 246 -24.25 32.39 10.41
CA VAL A 246 -24.08 33.34 9.31
C VAL A 246 -25.42 33.96 8.91
N ALA A 247 -26.49 33.66 9.64
CA ALA A 247 -27.84 34.11 9.27
C ALA A 247 -28.02 35.57 9.67
N GLY A 248 -28.27 36.42 8.67
CA GLY A 248 -28.60 37.81 8.92
C GLY A 248 -27.42 38.68 9.33
N ALA A 249 -26.40 38.76 8.49
CA ALA A 249 -25.27 39.64 8.75
C ALA A 249 -25.68 41.09 8.53
N LYS A 250 -24.98 41.98 9.19
CA LYS A 250 -25.30 43.39 9.00
C LYS A 250 -24.12 44.21 8.52
N TYR A 251 -22.93 43.96 9.06
CA TYR A 251 -21.74 44.69 8.61
C TYR A 251 -20.59 43.70 8.45
N ARG A 252 -19.40 44.22 8.14
CA ARG A 252 -18.28 43.42 7.68
C ARG A 252 -17.69 42.61 8.83
N GLY A 253 -17.45 41.33 8.58
CA GLY A 253 -16.93 40.44 9.61
C GLY A 253 -17.97 40.05 10.64
N GLU A 254 -18.97 39.28 10.20
CA GLU A 254 -20.00 38.74 11.09
C GLU A 254 -19.78 37.23 11.33
N PHE A 255 -18.54 36.80 11.48
CA PHE A 255 -18.25 35.40 11.74
C PHE A 255 -17.91 35.18 13.21
N GLU A 256 -16.90 35.87 13.72
CA GLU A 256 -16.33 35.56 15.02
C GLU A 256 -17.19 35.99 16.20
N GLU A 257 -18.18 36.86 16.00
CA GLU A 257 -18.96 37.33 17.13
C GLU A 257 -20.05 36.33 17.51
N ARG A 258 -20.87 35.91 16.54
CA ARG A 258 -21.89 34.90 16.80
C ARG A 258 -21.37 33.48 16.56
N LEU A 259 -20.06 33.29 16.67
CA LEU A 259 -19.45 32.03 17.07
C LEU A 259 -18.99 32.02 18.52
N LYS A 260 -18.47 33.14 19.01
CA LYS A 260 -17.89 33.18 20.35
C LYS A 260 -18.97 33.16 21.42
N GLY A 261 -20.10 33.86 21.18
CA GLY A 261 -21.20 33.83 22.13
C GLY A 261 -21.86 32.47 22.20
N VAL A 262 -21.78 31.70 21.12
CA VAL A 262 -22.15 30.29 21.16
C VAL A 262 -21.06 29.46 21.81
N LEU A 263 -19.82 29.94 21.81
CA LEU A 263 -18.68 29.19 22.34
C LEU A 263 -18.41 29.48 23.81
N ASN A 264 -18.32 30.76 24.21
CA ASN A 264 -17.77 31.11 25.52
C ASN A 264 -18.67 30.70 26.69
N ASP A 265 -19.97 30.57 26.47
CA ASP A 265 -20.90 30.25 27.55
C ASP A 265 -20.82 28.79 27.99
N LEU A 266 -20.08 27.96 27.28
CA LEU A 266 -19.93 26.55 27.63
C LEU A 266 -18.72 26.29 28.53
N ALA A 267 -18.25 27.32 29.24
CA ALA A 267 -17.19 27.12 30.21
C ALA A 267 -17.71 26.53 31.52
N LYS A 268 -18.90 26.96 31.95
CA LYS A 268 -19.45 26.53 33.23
C LYS A 268 -20.32 25.28 33.11
N GLN A 269 -20.45 24.70 31.91
CA GLN A 269 -21.24 23.48 31.76
C GLN A 269 -20.53 22.28 32.39
N GLU A 270 -19.19 22.31 32.40
CA GLU A 270 -18.31 21.27 32.94
C GLU A 270 -18.56 19.93 32.24
N GLY A 271 -18.24 19.93 30.96
CA GLY A 271 -18.35 18.74 30.13
C GLY A 271 -19.75 18.30 29.81
N ASN A 272 -20.75 19.15 30.03
CA ASN A 272 -22.14 18.75 29.83
C ASN A 272 -22.47 18.77 28.35
N VAL A 273 -22.44 19.95 27.74
CA VAL A 273 -22.68 20.10 26.31
C VAL A 273 -21.41 19.67 25.59
N ILE A 274 -21.40 18.43 25.10
CA ILE A 274 -20.27 17.92 24.33
C ILE A 274 -20.56 18.15 22.86
N LEU A 275 -19.80 19.04 22.23
CA LEU A 275 -20.09 19.47 20.87
C LEU A 275 -19.75 18.37 19.87
N PHE A 276 -20.47 18.36 18.75
CA PHE A 276 -20.15 17.50 17.63
C PHE A 276 -19.98 18.37 16.40
N ILE A 277 -18.84 18.26 15.74
CA ILE A 277 -18.53 19.05 14.56
C ILE A 277 -18.60 18.09 13.37
N ASP A 278 -19.73 18.10 12.67
CA ASP A 278 -19.78 17.49 11.35
C ASP A 278 -19.05 18.40 10.38
N GLU A 279 -18.40 17.77 9.39
CA GLU A 279 -17.49 18.42 8.44
C GLU A 279 -16.39 19.19 9.19
N LEU A 280 -15.57 18.41 9.88
CA LEU A 280 -14.38 18.96 10.52
C LEU A 280 -13.32 19.37 9.52
N HIS A 281 -13.37 18.81 8.31
CA HIS A 281 -12.46 19.24 7.25
C HIS A 281 -12.72 20.68 6.83
N THR A 282 -13.98 21.12 6.91
CA THR A 282 -14.26 22.54 6.70
C THR A 282 -13.87 23.35 7.93
N MET A 283 -14.53 23.08 9.06
CA MET A 283 -14.25 23.79 10.29
C MET A 283 -13.16 23.08 11.07
N ALA A 295 -10.43 27.45 8.03
CA ALA A 295 -11.60 27.87 8.78
C ALA A 295 -11.63 27.17 10.13
N GLY A 296 -12.65 27.49 10.93
CA GLY A 296 -12.79 26.94 12.27
C GLY A 296 -11.66 27.33 13.20
N ASN A 297 -10.97 28.43 12.91
CA ASN A 297 -9.69 28.76 13.51
C ASN A 297 -9.83 29.72 14.68
N MET A 298 -10.98 29.71 15.36
CA MET A 298 -11.17 30.38 16.64
C MET A 298 -11.49 29.38 17.73
N LEU A 299 -11.74 28.12 17.35
CA LEU A 299 -11.95 27.01 18.26
C LEU A 299 -10.65 26.38 18.75
N LYS A 300 -9.51 26.98 18.43
CA LYS A 300 -8.22 26.35 18.74
C LYS A 300 -7.82 26.43 20.22
N PRO A 301 -7.63 27.61 20.84
CA PRO A 301 -6.72 27.67 21.99
C PRO A 301 -7.30 27.17 23.30
N ALA A 302 -8.54 26.67 23.32
CA ALA A 302 -9.19 26.31 24.56
C ALA A 302 -9.67 24.86 24.59
N LEU A 303 -8.93 23.94 23.96
CA LEU A 303 -9.26 22.53 24.06
C LEU A 303 -9.08 22.02 25.48
N ALA A 304 -7.95 22.34 26.10
CA ALA A 304 -7.65 21.90 27.46
C ALA A 304 -8.33 22.75 28.53
N ARG A 305 -9.07 23.79 28.14
CA ARG A 305 -9.78 24.61 29.12
C ARG A 305 -10.98 23.89 29.70
N GLY A 306 -11.56 22.94 28.96
CA GLY A 306 -12.86 22.39 29.29
C GLY A 306 -14.01 23.23 28.81
N GLU A 307 -13.74 24.40 28.25
CA GLU A 307 -14.74 25.30 27.70
C GLU A 307 -15.33 24.76 26.40
N LEU A 308 -14.63 23.84 25.75
CA LEU A 308 -15.14 23.19 24.55
C LEU A 308 -14.71 21.73 24.54
N HIS A 309 -15.62 20.87 24.09
CA HIS A 309 -15.40 19.42 24.07
C HIS A 309 -16.05 18.90 22.79
N CYS A 310 -15.23 18.63 21.78
CA CYS A 310 -15.72 18.44 20.41
C CYS A 310 -15.69 16.97 20.00
N VAL A 311 -16.53 16.65 19.01
CA VAL A 311 -16.58 15.34 18.37
C VAL A 311 -16.48 15.56 16.87
N GLY A 312 -15.54 14.86 16.23
CA GLY A 312 -15.28 15.09 14.82
C GLY A 312 -15.89 14.06 13.90
N ALA A 313 -16.00 14.44 12.63
CA ALA A 313 -16.43 13.55 11.56
C ALA A 313 -15.76 14.04 10.28
N THR A 314 -14.86 13.24 9.72
CA THR A 314 -13.98 13.67 8.65
C THR A 314 -13.86 12.48 7.70
N THR A 315 -13.34 12.73 6.50
CA THR A 315 -12.96 11.66 5.57
C THR A 315 -11.45 11.43 5.72
N LEU A 316 -10.92 10.42 5.01
CA LEU A 316 -9.53 10.00 5.21
C LEU A 316 -8.55 11.07 4.73
N ASP A 317 -8.63 11.44 3.44
CA ASP A 317 -7.75 12.46 2.89
C ASP A 317 -8.09 13.83 3.48
N GLU A 318 -9.35 14.04 3.85
CA GLU A 318 -9.77 15.30 4.41
C GLU A 318 -9.31 15.51 5.86
N TYR A 319 -8.71 14.49 6.49
CA TYR A 319 -8.14 14.66 7.82
C TYR A 319 -6.66 15.00 7.77
N ARG A 320 -5.95 14.52 6.74
CA ARG A 320 -4.51 14.77 6.65
C ARG A 320 -4.21 16.24 6.34
N GLN A 321 -5.14 16.93 5.70
CA GLN A 321 -4.94 18.33 5.35
C GLN A 321 -5.14 19.26 6.54
N TYR A 322 -5.90 18.85 7.55
CA TYR A 322 -6.35 19.78 8.55
C TYR A 322 -5.73 19.58 9.93
N ILE A 323 -5.52 18.33 10.35
CA ILE A 323 -5.02 18.03 11.68
C ILE A 323 -3.63 17.41 11.62
N GLU A 324 -3.44 16.42 10.74
CA GLU A 324 -2.16 15.71 10.70
C GLU A 324 -1.05 16.52 10.04
N LYS A 325 -1.39 17.59 9.32
CA LYS A 325 -0.35 18.49 8.81
C LYS A 325 0.26 19.33 9.94
N ASP A 326 -0.55 19.65 10.95
CA ASP A 326 -0.10 20.43 12.09
C ASP A 326 0.21 19.53 13.28
N ALA A 327 0.78 20.13 14.32
CA ALA A 327 1.04 19.44 15.57
C ALA A 327 0.16 19.93 16.71
N ALA A 328 -0.59 21.02 16.50
CA ALA A 328 -1.46 21.54 17.54
C ALA A 328 -2.67 20.65 17.77
N LEU A 329 -3.45 20.41 16.71
CA LEU A 329 -4.60 19.53 16.80
C LEU A 329 -4.25 18.05 16.65
N GLU A 330 -2.97 17.74 16.38
CA GLU A 330 -2.53 16.36 16.22
C GLU A 330 -2.71 15.56 17.50
N ARG A 331 -2.53 16.20 18.65
CA ARG A 331 -2.78 15.54 19.92
C ARG A 331 -4.27 15.41 20.19
N ARG A 332 -4.99 16.55 20.17
CA ARG A 332 -6.30 16.66 20.81
C ARG A 332 -7.44 15.98 20.06
N PHE A 333 -7.19 15.19 19.03
CA PHE A 333 -8.27 14.49 18.34
C PHE A 333 -7.82 13.08 17.97
N GLN A 334 -8.64 12.08 18.29
CA GLN A 334 -8.37 10.69 17.93
C GLN A 334 -9.30 10.22 16.84
N LYS A 335 -8.80 9.31 16.01
CA LYS A 335 -9.44 8.93 14.75
C LYS A 335 -10.14 7.58 14.92
N VAL A 336 -11.45 7.56 14.72
CA VAL A 336 -12.21 6.32 14.77
C VAL A 336 -12.48 5.88 13.34
N PHE A 337 -11.69 4.92 12.86
CA PHE A 337 -11.76 4.54 11.45
C PHE A 337 -12.98 3.68 11.20
N VAL A 338 -13.82 4.11 10.26
CA VAL A 338 -15.07 3.44 9.93
C VAL A 338 -14.95 2.91 8.51
N ALA A 339 -15.28 1.64 8.32
CA ALA A 339 -14.99 0.94 7.07
C ALA A 339 -16.26 0.62 6.28
N GLU A 340 -16.03 0.19 5.04
CA GLU A 340 -17.01 -0.41 4.14
C GLU A 340 -17.59 -1.66 4.80
N PRO A 341 -18.87 -1.64 5.17
CA PRO A 341 -19.43 -2.73 5.96
C PRO A 341 -19.70 -3.97 5.12
N SER A 342 -20.17 -5.01 5.77
CA SER A 342 -20.55 -6.22 5.04
C SER A 342 -21.89 -6.00 4.36
N VAL A 343 -22.13 -6.80 3.31
CA VAL A 343 -23.35 -6.69 2.52
C VAL A 343 -24.56 -7.12 3.33
N GLU A 344 -24.40 -8.13 4.18
CA GLU A 344 -25.52 -8.62 5.00
C GLU A 344 -25.87 -7.66 6.12
N ASP A 345 -24.86 -7.02 6.75
CA ASP A 345 -25.15 -6.00 7.74
C ASP A 345 -25.65 -4.71 7.11
N THR A 346 -25.34 -4.48 5.83
CA THR A 346 -25.91 -3.34 5.11
C THR A 346 -27.42 -3.48 5.00
N ILE A 347 -27.90 -4.68 4.65
CA ILE A 347 -29.33 -4.91 4.59
C ILE A 347 -29.94 -4.98 6.00
N ALA A 348 -29.15 -5.44 6.98
CA ALA A 348 -29.69 -5.74 8.31
C ALA A 348 -30.10 -4.50 9.09
N ILE A 349 -29.41 -3.37 8.87
CA ILE A 349 -29.85 -2.13 9.49
C ILE A 349 -31.10 -1.61 8.80
N LEU A 350 -31.25 -1.93 7.51
CA LEU A 350 -32.49 -1.64 6.79
C LEU A 350 -33.52 -2.76 6.92
N ARG A 351 -33.26 -3.75 7.78
CA ARG A 351 -34.24 -4.80 8.05
C ARG A 351 -35.14 -4.46 9.22
N GLY A 352 -34.76 -3.50 10.06
CA GLY A 352 -35.59 -3.06 11.16
C GLY A 352 -36.02 -1.62 10.98
N LEU A 353 -35.44 -0.96 9.99
CA LEU A 353 -35.74 0.43 9.70
C LEU A 353 -36.31 0.52 8.29
N LYS A 354 -37.25 -0.38 7.98
CA LYS A 354 -37.78 -0.55 6.64
C LYS A 354 -39.12 0.14 6.43
N GLU A 355 -39.68 0.77 7.46
CA GLU A 355 -41.02 1.36 7.35
C GLU A 355 -41.00 2.64 6.53
N ARG A 356 -39.99 3.49 6.75
CA ARG A 356 -39.83 4.74 6.01
C ARG A 356 -39.22 4.54 4.63
N TYR A 357 -38.84 3.31 4.29
CA TYR A 357 -38.44 2.95 2.94
C TYR A 357 -39.58 2.39 2.11
N GLU A 358 -40.71 2.07 2.73
CA GLU A 358 -41.83 1.43 2.03
C GLU A 358 -42.81 2.44 1.43
N LEU A 359 -42.91 3.64 1.97
CA LEU A 359 -43.92 4.61 1.54
C LEU A 359 -43.30 5.91 1.05
N HIS A 360 -42.01 5.91 0.72
CA HIS A 360 -41.33 7.14 0.36
C HIS A 360 -40.66 7.07 -1.01
N HIS A 361 -40.05 5.94 -1.34
CA HIS A 361 -39.33 5.78 -2.59
C HIS A 361 -40.24 5.38 -3.75
N HIS A 362 -41.54 5.29 -3.49
CA HIS A 362 -42.53 4.69 -4.39
C HIS A 362 -42.12 3.28 -4.79
N VAL A 363 -41.86 2.45 -3.78
CA VAL A 363 -41.49 1.06 -3.99
C VAL A 363 -42.38 0.19 -3.10
N GLN A 364 -42.72 -0.99 -3.59
CA GLN A 364 -43.53 -1.92 -2.82
C GLN A 364 -42.62 -2.89 -2.07
N ILE A 365 -43.11 -3.40 -0.93
CA ILE A 365 -42.25 -4.13 -0.01
C ILE A 365 -41.90 -5.50 -0.58
N THR A 366 -40.61 -5.76 -0.72
CA THR A 366 -40.12 -7.08 -1.07
C THR A 366 -38.75 -7.27 -0.42
N ASP A 367 -38.37 -8.54 -0.29
CA ASP A 367 -37.06 -8.87 0.27
C ASP A 367 -35.89 -8.54 -0.66
N PRO A 368 -35.80 -9.06 -1.90
CA PRO A 368 -34.53 -8.96 -2.63
C PRO A 368 -34.22 -7.60 -3.25
N ALA A 369 -34.97 -6.54 -2.91
CA ALA A 369 -34.82 -5.26 -3.60
C ALA A 369 -33.47 -4.62 -3.29
N ILE A 370 -33.01 -4.71 -2.04
CA ILE A 370 -31.70 -4.18 -1.69
C ILE A 370 -30.59 -5.11 -2.19
N VAL A 371 -30.92 -6.36 -2.49
CA VAL A 371 -29.92 -7.42 -2.61
C VAL A 371 -29.06 -7.25 -3.86
N ALA A 372 -29.69 -7.19 -5.04
CA ALA A 372 -28.93 -7.17 -6.29
C ALA A 372 -28.28 -5.83 -6.59
N ALA A 373 -28.40 -4.84 -5.71
CA ALA A 373 -27.63 -3.62 -5.77
C ALA A 373 -26.48 -3.59 -4.78
N ALA A 374 -26.45 -4.52 -3.81
CA ALA A 374 -25.38 -4.56 -2.83
C ALA A 374 -24.41 -5.70 -3.04
N THR A 375 -24.86 -6.84 -3.54
CA THR A 375 -23.97 -7.95 -3.84
C THR A 375 -23.31 -7.80 -5.19
N LEU A 376 -23.96 -7.12 -6.12
CA LEU A 376 -23.48 -6.99 -7.49
C LEU A 376 -22.83 -5.62 -7.74
N SER A 377 -22.51 -4.89 -6.67
CA SER A 377 -21.89 -3.57 -6.85
C SER A 377 -20.80 -3.28 -5.83
N HIS A 378 -20.34 -4.27 -5.07
CA HIS A 378 -19.18 -4.08 -4.22
C HIS A 378 -17.86 -4.23 -4.97
N ARG A 379 -17.87 -4.87 -6.14
CA ARG A 379 -16.69 -5.08 -6.97
C ARG A 379 -16.77 -4.36 -8.31
N TYR A 380 -17.97 -4.23 -8.88
CA TYR A 380 -18.13 -3.62 -10.20
C TYR A 380 -17.91 -2.11 -10.14
N ILE A 381 -18.52 -1.45 -9.16
CA ILE A 381 -18.39 0.00 -8.99
C ILE A 381 -17.67 0.23 -7.66
N ALA A 382 -16.66 -0.63 -7.39
CA ALA A 382 -15.86 -0.55 -6.17
C ALA A 382 -15.11 0.76 -6.00
N ASP A 383 -14.97 1.57 -7.05
CA ASP A 383 -14.45 2.93 -6.94
C ASP A 383 -15.41 3.86 -6.21
N ARG A 384 -16.68 3.49 -6.08
CA ARG A 384 -17.65 4.17 -5.23
C ARG A 384 -17.59 3.53 -3.84
N GLN A 385 -18.52 3.92 -2.98
CA GLN A 385 -18.64 3.38 -1.63
C GLN A 385 -20.02 2.74 -1.44
N LEU A 386 -20.02 1.45 -1.12
CA LEU A 386 -21.27 0.75 -0.82
C LEU A 386 -22.11 1.32 0.34
N PRO A 387 -21.55 1.84 1.45
CA PRO A 387 -22.46 2.48 2.43
C PRO A 387 -23.05 3.79 1.94
N ASP A 388 -22.41 4.44 0.97
CA ASP A 388 -23.05 5.52 0.22
C ASP A 388 -23.90 4.99 -0.92
N LYS A 389 -23.52 3.86 -1.51
CA LYS A 389 -24.39 3.13 -2.42
C LYS A 389 -25.46 2.33 -1.68
N ALA A 390 -25.44 2.35 -0.34
CA ALA A 390 -26.57 1.89 0.45
C ALA A 390 -27.74 2.86 0.41
N ILE A 391 -27.55 4.07 -0.13
CA ILE A 391 -28.65 4.90 -0.56
C ILE A 391 -28.59 5.19 -2.06
N ASP A 392 -27.40 5.42 -2.62
CA ASP A 392 -27.31 5.90 -3.99
C ASP A 392 -27.52 4.81 -5.02
N LEU A 393 -27.70 3.56 -4.59
CA LEU A 393 -28.17 2.51 -5.48
C LEU A 393 -29.60 2.07 -5.18
N ILE A 394 -30.14 2.45 -4.03
CA ILE A 394 -31.57 2.25 -3.86
C ILE A 394 -32.31 3.42 -4.48
N ASP A 395 -31.79 4.64 -4.36
CA ASP A 395 -32.47 5.83 -4.86
C ASP A 395 -32.32 6.01 -6.37
N GLU A 396 -31.42 5.28 -7.02
CA GLU A 396 -31.21 5.47 -8.45
C GLU A 396 -31.64 4.29 -9.29
N ALA A 397 -31.48 3.06 -8.81
CA ALA A 397 -32.07 1.93 -9.50
C ALA A 397 -33.58 1.97 -9.42
N ALA A 398 -34.14 2.50 -8.33
CA ALA A 398 -35.56 2.78 -8.23
C ALA A 398 -35.91 4.18 -8.71
N SER A 399 -35.05 4.80 -9.52
CA SER A 399 -35.38 6.01 -10.24
C SER A 399 -35.63 5.77 -11.70
N SER A 400 -34.95 4.78 -12.31
CA SER A 400 -35.33 4.33 -13.63
C SER A 400 -36.62 3.54 -13.59
N ILE A 401 -36.91 2.93 -12.44
CA ILE A 401 -38.20 2.30 -12.19
C ILE A 401 -39.31 3.35 -12.15
N ARG A 402 -38.98 4.57 -11.70
CA ARG A 402 -39.96 5.64 -11.49
C ARG A 402 -40.54 6.22 -12.77
N MET A 403 -40.19 5.70 -13.95
CA MET A 403 -40.82 6.14 -15.18
C MET A 403 -42.29 5.73 -15.25
N GLN A 404 -42.64 4.58 -14.66
CA GLN A 404 -44.00 4.06 -14.77
C GLN A 404 -44.67 3.85 -13.40
N ILE A 405 -44.09 4.35 -12.31
CA ILE A 405 -44.64 4.10 -10.99
C ILE A 405 -45.90 4.93 -10.73
N ASP A 406 -46.04 6.09 -11.37
CA ASP A 406 -47.21 6.94 -11.20
C ASP A 406 -47.69 7.51 -12.53
N SER A 407 -47.18 6.98 -13.64
CA SER A 407 -47.48 7.51 -14.96
C SER A 407 -48.74 6.86 -15.51
N LYS A 408 -49.59 7.67 -16.13
CA LYS A 408 -50.85 7.18 -16.67
C LYS A 408 -50.89 7.32 -18.20
N ARG A 525 -47.36 -8.11 -12.87
CA ARG A 525 -48.70 -7.57 -13.09
C ARG A 525 -48.77 -6.81 -14.41
N LEU A 526 -49.29 -5.58 -14.37
CA LEU A 526 -49.42 -4.78 -15.58
C LEU A 526 -48.11 -4.11 -15.95
N LEU A 527 -47.49 -3.41 -15.00
CA LEU A 527 -46.20 -2.77 -15.21
C LEU A 527 -45.36 -2.87 -13.94
N ARG A 528 -44.21 -2.21 -13.97
CA ARG A 528 -43.22 -2.31 -12.91
C ARG A 528 -43.64 -1.43 -11.74
N ASN A 529 -44.45 -2.00 -10.85
CA ASN A 529 -44.84 -1.35 -9.60
C ASN A 529 -43.93 -1.79 -8.45
N LYS A 530 -43.81 -3.09 -8.24
CA LYS A 530 -42.78 -3.63 -7.37
C LYS A 530 -41.40 -3.36 -7.98
N VAL A 531 -40.40 -3.25 -7.11
CA VAL A 531 -39.02 -3.32 -7.55
C VAL A 531 -38.77 -4.69 -8.17
N THR A 532 -38.02 -4.70 -9.26
CA THR A 532 -37.38 -5.91 -9.71
C THR A 532 -35.87 -5.72 -9.64
N ASP A 533 -35.16 -6.83 -9.71
CA ASP A 533 -33.72 -6.82 -9.52
C ASP A 533 -32.95 -7.14 -10.79
N ALA A 534 -33.64 -7.47 -11.87
CA ALA A 534 -33.01 -7.47 -13.18
C ALA A 534 -32.84 -6.07 -13.73
N GLU A 535 -33.79 -5.17 -13.43
CA GLU A 535 -33.63 -3.77 -13.82
C GLU A 535 -32.66 -3.04 -12.91
N ILE A 536 -32.36 -3.60 -11.74
CA ILE A 536 -31.19 -3.15 -10.99
C ILE A 536 -29.92 -3.61 -11.69
N ALA A 537 -29.92 -4.83 -12.22
CA ALA A 537 -28.79 -5.30 -13.02
C ALA A 537 -28.71 -4.58 -14.36
N GLU A 538 -29.87 -4.22 -14.93
CA GLU A 538 -29.88 -3.53 -16.22
C GLU A 538 -29.41 -2.09 -16.07
N VAL A 539 -29.69 -1.45 -14.93
CA VAL A 539 -29.22 -0.08 -14.75
C VAL A 539 -27.76 -0.08 -14.29
N LEU A 540 -27.27 -1.23 -13.79
CA LEU A 540 -25.84 -1.33 -13.50
C LEU A 540 -25.01 -1.33 -14.77
N ALA A 541 -25.59 -1.78 -15.89
CA ALA A 541 -24.89 -1.73 -17.16
C ALA A 541 -24.79 -0.31 -17.69
N ARG A 542 -25.67 0.57 -17.26
CA ARG A 542 -25.66 1.97 -17.63
C ARG A 542 -24.79 2.83 -16.72
N TRP A 543 -24.00 2.21 -15.85
CA TRP A 543 -23.14 2.94 -14.93
C TRP A 543 -21.66 2.67 -15.18
N THR A 544 -21.27 1.40 -15.24
CA THR A 544 -19.87 1.02 -15.38
C THR A 544 -19.48 0.61 -16.79
N GLY A 545 -20.42 0.62 -17.73
CA GLY A 545 -20.13 0.27 -19.11
C GLY A 545 -20.19 -1.21 -19.43
N ILE A 546 -20.10 -2.08 -18.42
CA ILE A 546 -20.18 -3.52 -18.61
C ILE A 546 -21.62 -3.87 -18.98
N PRO A 547 -21.90 -4.25 -20.23
CA PRO A 547 -23.27 -4.23 -20.73
C PRO A 547 -24.14 -5.38 -20.26
N VAL A 548 -25.34 -5.48 -20.83
CA VAL A 548 -26.28 -6.53 -20.46
C VAL A 548 -26.00 -7.86 -21.15
N SER A 549 -25.05 -7.91 -22.08
CA SER A 549 -24.74 -9.17 -22.75
C SER A 549 -23.88 -10.08 -21.90
N ARG A 550 -23.30 -9.57 -20.81
CA ARG A 550 -22.67 -10.40 -19.80
C ARG A 550 -23.62 -10.74 -18.66
N MET A 551 -24.61 -9.90 -18.41
CA MET A 551 -25.52 -10.06 -17.28
C MET A 551 -26.81 -10.78 -17.64
N MET A 552 -26.83 -11.45 -18.79
CA MET A 552 -27.88 -12.43 -19.08
C MET A 552 -27.33 -13.79 -19.44
N GLU A 553 -26.08 -13.88 -19.87
CA GLU A 553 -25.47 -15.15 -20.23
C GLU A 553 -25.12 -15.94 -18.98
N SER A 554 -24.85 -17.23 -19.18
CA SER A 554 -24.51 -18.10 -18.06
C SER A 554 -23.06 -17.87 -17.62
N GLU A 555 -22.60 -18.67 -16.65
CA GLU A 555 -21.25 -18.49 -16.13
C GLU A 555 -20.20 -19.05 -17.08
N ARG A 556 -20.41 -20.27 -17.58
CA ARG A 556 -19.45 -20.87 -18.50
C ARG A 556 -19.50 -20.26 -19.89
N GLU A 557 -20.55 -19.50 -20.22
CA GLU A 557 -20.55 -18.74 -21.46
C GLU A 557 -19.99 -17.34 -21.26
N LYS A 558 -19.97 -16.86 -20.02
CA LYS A 558 -19.37 -15.57 -19.73
C LYS A 558 -17.86 -15.59 -19.99
N LEU A 559 -17.20 -16.69 -19.66
CA LEU A 559 -15.80 -16.88 -19.98
C LEU A 559 -15.60 -17.57 -21.32
N LEU A 560 -16.66 -17.75 -22.10
CA LEU A 560 -16.59 -18.23 -23.47
C LEU A 560 -17.19 -17.19 -24.42
N ARG A 561 -16.86 -15.91 -24.19
CA ARG A 561 -17.14 -14.84 -25.12
C ARG A 561 -15.87 -14.22 -25.70
N MET A 562 -14.78 -14.17 -24.93
CA MET A 562 -13.47 -13.73 -25.42
C MET A 562 -12.89 -14.67 -26.45
N GLU A 563 -13.40 -15.90 -26.53
CA GLU A 563 -12.82 -16.93 -27.38
C GLU A 563 -13.04 -16.62 -28.85
N GLN A 564 -14.29 -16.41 -29.26
CA GLN A 564 -14.59 -15.96 -30.62
C GLN A 564 -14.81 -14.44 -30.64
N GLU A 565 -13.76 -13.70 -30.27
CA GLU A 565 -13.81 -12.25 -30.20
C GLU A 565 -12.89 -11.58 -31.20
N LEU A 566 -11.59 -11.88 -31.16
CA LEU A 566 -10.62 -11.26 -32.05
C LEU A 566 -10.47 -12.11 -33.31
N HIS A 567 -11.60 -12.25 -34.02
CA HIS A 567 -11.69 -12.98 -35.26
C HIS A 567 -12.21 -12.16 -36.43
N HIS A 568 -12.77 -10.98 -36.17
CA HIS A 568 -13.35 -10.14 -37.20
C HIS A 568 -12.29 -9.24 -37.84
N ARG A 569 -11.51 -8.55 -37.00
CA ARG A 569 -10.47 -7.66 -37.51
C ARG A 569 -9.18 -8.44 -37.78
N VAL A 570 -8.76 -9.25 -36.82
CA VAL A 570 -7.58 -10.08 -36.96
C VAL A 570 -8.08 -11.50 -37.29
N ILE A 571 -7.83 -11.92 -38.53
CA ILE A 571 -8.48 -13.12 -39.05
C ILE A 571 -7.65 -14.35 -38.68
N GLY A 572 -8.34 -15.50 -38.60
CA GLY A 572 -7.75 -16.75 -38.19
C GLY A 572 -7.93 -17.00 -36.71
N GLN A 573 -6.98 -17.74 -36.12
CA GLN A 573 -6.83 -17.93 -34.68
C GLN A 573 -8.06 -18.60 -34.07
N ASN A 574 -8.41 -19.76 -34.64
CA ASN A 574 -9.57 -20.52 -34.18
C ASN A 574 -9.25 -21.42 -32.99
N GLU A 575 -7.99 -21.50 -32.57
CA GLU A 575 -7.63 -22.24 -31.37
C GLU A 575 -6.76 -21.36 -30.48
N ALA A 576 -5.97 -20.47 -31.09
CA ALA A 576 -5.08 -19.57 -30.38
C ALA A 576 -5.80 -18.34 -29.81
N VAL A 577 -7.13 -18.34 -29.76
CA VAL A 577 -7.87 -17.52 -28.81
C VAL A 577 -8.70 -18.38 -27.86
N ASP A 578 -8.95 -19.65 -28.19
CA ASP A 578 -9.57 -20.57 -27.25
C ASP A 578 -8.63 -20.87 -26.08
N ALA A 579 -7.35 -21.09 -26.36
CA ALA A 579 -6.38 -21.45 -25.33
C ALA A 579 -5.42 -20.32 -25.01
N VAL A 580 -5.90 -19.07 -24.95
CA VAL A 580 -5.13 -17.94 -24.47
C VAL A 580 -5.70 -17.39 -23.17
N SER A 581 -7.03 -17.24 -23.09
CA SER A 581 -7.72 -17.04 -21.83
C SER A 581 -8.04 -18.35 -21.11
N ASN A 582 -7.38 -19.45 -21.48
CA ASN A 582 -7.57 -20.71 -20.79
C ASN A 582 -6.95 -20.66 -19.41
N ALA A 583 -5.84 -19.92 -19.26
CA ALA A 583 -5.25 -19.73 -17.93
C ALA A 583 -6.13 -18.87 -17.04
N ILE A 584 -7.02 -18.07 -17.61
CA ILE A 584 -8.02 -17.39 -16.80
C ILE A 584 -8.99 -18.40 -16.18
N ARG A 585 -9.30 -19.47 -16.91
CA ARG A 585 -9.99 -20.60 -16.30
C ARG A 585 -9.08 -21.46 -15.44
N ARG A 586 -7.77 -21.17 -15.40
CA ARG A 586 -6.79 -21.95 -14.66
C ARG A 586 -5.95 -21.16 -13.68
N SER A 587 -6.06 -19.83 -13.65
CA SER A 587 -5.38 -19.03 -12.62
C SER A 587 -6.32 -18.04 -11.93
N ARG A 588 -7.26 -17.44 -12.67
CA ARG A 588 -8.23 -16.55 -12.03
C ARG A 588 -9.21 -17.33 -11.16
N ALA A 589 -9.56 -18.55 -11.58
CA ALA A 589 -10.11 -19.53 -10.65
C ALA A 589 -8.99 -20.25 -9.93
N GLY A 590 -8.04 -20.80 -10.69
CA GLY A 590 -6.83 -21.40 -10.18
C GLY A 590 -6.81 -22.91 -10.31
N LEU A 591 -6.22 -23.39 -11.41
CA LEU A 591 -6.16 -24.83 -11.64
C LEU A 591 -4.74 -25.35 -11.88
N ALA A 592 -4.06 -24.79 -12.88
CA ALA A 592 -2.94 -25.49 -13.52
C ALA A 592 -1.62 -25.04 -12.90
N ASP A 593 -1.41 -25.44 -11.62
CA ASP A 593 -0.20 -25.27 -10.84
C ASP A 593 0.29 -23.82 -10.84
N PRO A 594 -0.33 -22.94 -10.04
CA PRO A 594 -0.07 -21.49 -10.17
C PRO A 594 1.32 -21.04 -9.76
N ASN A 595 2.19 -21.91 -9.27
CA ASN A 595 3.60 -21.58 -9.01
C ASN A 595 4.40 -21.72 -10.31
N ARG A 596 4.11 -20.82 -11.24
CA ARG A 596 4.63 -20.90 -12.60
C ARG A 596 4.62 -19.50 -13.20
N PRO A 597 5.40 -19.26 -14.25
CA PRO A 597 5.13 -18.14 -15.15
C PRO A 597 4.00 -18.53 -16.10
N ILE A 598 3.58 -17.56 -16.92
CA ILE A 598 2.46 -17.82 -17.82
C ILE A 598 2.93 -18.54 -19.09
N GLY A 599 3.98 -18.04 -19.73
CA GLY A 599 4.58 -18.74 -20.84
C GLY A 599 5.31 -17.96 -21.92
N SER A 600 6.45 -18.49 -22.35
CA SER A 600 7.34 -17.82 -23.29
C SER A 600 7.89 -18.81 -24.32
N PHE A 601 7.02 -19.63 -24.91
CA PHE A 601 7.38 -20.41 -26.08
C PHE A 601 6.92 -19.61 -27.31
N LEU A 602 6.94 -20.25 -28.49
CA LEU A 602 6.82 -19.52 -29.76
C LEU A 602 5.42 -18.95 -29.96
N PHE A 603 5.36 -17.72 -30.44
CA PHE A 603 4.16 -17.10 -31.00
C PHE A 603 4.63 -16.43 -32.29
N LEU A 604 4.50 -17.16 -33.40
CA LEU A 604 5.01 -16.71 -34.69
C LEU A 604 4.07 -15.69 -35.33
N GLY A 605 4.65 -14.63 -35.90
CA GLY A 605 3.87 -13.53 -36.43
C GLY A 605 4.49 -12.77 -37.58
N PRO A 606 3.68 -12.02 -38.32
CA PRO A 606 4.20 -11.11 -39.35
C PRO A 606 4.49 -9.73 -38.80
N THR A 607 5.46 -9.06 -39.43
CA THR A 607 5.99 -7.80 -38.90
C THR A 607 4.98 -6.67 -39.12
N GLY A 608 4.16 -6.42 -38.10
CA GLY A 608 3.38 -5.19 -37.99
C GLY A 608 1.88 -5.40 -37.90
N VAL A 609 1.37 -6.52 -38.43
CA VAL A 609 -0.06 -6.66 -38.66
C VAL A 609 -0.62 -7.88 -37.94
N GLY A 610 -0.15 -8.14 -36.73
CA GLY A 610 -0.42 -9.42 -36.10
C GLY A 610 0.80 -10.02 -35.45
N LYS A 611 1.79 -9.17 -35.18
CA LYS A 611 2.82 -9.43 -34.17
C LYS A 611 2.57 -8.70 -32.87
N THR A 612 2.42 -7.37 -32.93
CA THR A 612 2.25 -6.54 -31.73
C THR A 612 0.89 -5.84 -31.76
N GLU A 613 0.10 -6.11 -32.80
CA GLU A 613 -1.21 -5.50 -32.95
C GLU A 613 -2.25 -6.08 -32.00
N LEU A 614 -1.99 -7.28 -31.47
CA LEU A 614 -2.98 -8.00 -30.67
C LEU A 614 -3.12 -7.49 -29.24
N CYS A 615 -2.61 -6.29 -28.94
CA CYS A 615 -3.00 -5.55 -27.76
C CYS A 615 -3.64 -4.21 -28.11
N LYS A 616 -3.62 -3.82 -29.38
CA LYS A 616 -4.36 -2.67 -29.88
C LYS A 616 -5.82 -3.00 -30.15
N ALA A 617 -6.13 -4.25 -30.45
CA ALA A 617 -7.50 -4.70 -30.68
C ALA A 617 -8.16 -5.21 -29.40
N LEU A 618 -7.55 -5.00 -28.24
CA LEU A 618 -8.09 -5.46 -26.97
C LEU A 618 -8.72 -4.33 -26.19
N ALA A 619 -9.50 -3.48 -26.87
CA ALA A 619 -10.32 -2.46 -26.22
C ALA A 619 -11.76 -2.91 -26.05
N ASN A 620 -12.00 -4.20 -25.78
CA ASN A 620 -13.36 -4.73 -25.83
C ASN A 620 -13.67 -5.80 -24.78
N PHE A 621 -12.94 -5.90 -23.66
CA PHE A 621 -13.01 -7.10 -22.82
C PHE A 621 -13.67 -6.87 -21.46
N MET A 622 -13.06 -6.10 -20.55
CA MET A 622 -13.66 -6.03 -19.22
C MET A 622 -13.78 -4.62 -18.61
N PHE A 623 -12.78 -3.78 -18.82
CA PHE A 623 -12.77 -2.45 -18.19
C PHE A 623 -12.57 -1.33 -19.18
N ASP A 624 -12.33 -1.63 -20.46
CA ASP A 624 -12.08 -0.67 -21.55
C ASP A 624 -10.89 0.24 -21.21
N SER A 625 -9.73 -0.42 -21.07
CA SER A 625 -8.50 0.28 -20.70
C SER A 625 -7.55 0.33 -21.89
N ASP A 626 -7.51 1.50 -22.53
CA ASP A 626 -6.59 1.72 -23.64
C ASP A 626 -5.24 2.26 -23.17
N GLU A 627 -5.07 2.46 -21.86
CA GLU A 627 -3.86 3.02 -21.28
C GLU A 627 -3.00 1.93 -20.65
N ALA A 628 -3.16 0.71 -21.16
CA ALA A 628 -2.43 -0.45 -20.65
C ALA A 628 -1.06 -0.62 -21.29
N MET A 629 -0.54 0.42 -21.95
CA MET A 629 0.62 0.29 -22.84
C MET A 629 1.87 0.09 -22.01
N VAL A 630 2.14 -1.17 -21.65
CA VAL A 630 3.45 -1.62 -21.18
C VAL A 630 3.79 -2.82 -22.06
N ARG A 631 4.54 -2.58 -23.12
CA ARG A 631 5.05 -3.64 -23.98
C ARG A 631 6.56 -3.42 -24.14
N ILE A 632 7.32 -4.50 -24.03
CA ILE A 632 8.76 -4.44 -23.92
C ILE A 632 9.38 -5.37 -24.95
N ASP A 633 10.36 -4.87 -25.71
CA ASP A 633 11.25 -5.73 -26.46
C ASP A 633 12.36 -6.17 -25.51
N MET A 634 12.50 -7.49 -25.34
CA MET A 634 13.44 -8.05 -24.38
C MET A 634 14.33 -9.07 -25.08
N SER A 635 14.86 -8.68 -26.24
CA SER A 635 15.53 -9.62 -27.13
C SER A 635 17.03 -9.72 -26.96
N GLU A 636 17.78 -8.63 -27.05
CA GLU A 636 19.23 -8.67 -27.01
C GLU A 636 19.82 -7.81 -25.88
N PHE A 637 19.24 -7.89 -24.68
CA PHE A 637 19.64 -7.05 -23.55
C PHE A 637 20.63 -7.82 -22.69
N MET A 638 21.92 -7.63 -22.97
CA MET A 638 23.00 -8.33 -22.29
C MET A 638 23.75 -7.48 -21.29
N GLU A 639 23.65 -6.16 -21.37
CA GLU A 639 24.36 -5.26 -20.48
C GLU A 639 23.47 -4.90 -19.29
N LYS A 640 24.11 -4.55 -18.18
CA LYS A 640 23.43 -4.32 -16.91
C LYS A 640 22.96 -2.87 -16.74
N HIS A 641 22.79 -2.13 -17.82
CA HIS A 641 22.47 -0.71 -17.74
C HIS A 641 21.22 -0.37 -18.57
N SER A 642 20.17 -1.18 -18.48
CA SER A 642 18.94 -0.93 -19.21
C SER A 642 17.70 -1.16 -18.35
N VAL A 643 17.80 -0.88 -17.05
CA VAL A 643 16.69 -1.14 -16.13
C VAL A 643 16.18 0.13 -15.46
N SER A 644 16.91 1.24 -15.53
CA SER A 644 16.61 2.42 -14.72
C SER A 644 15.64 3.39 -15.38
N ARG A 645 14.80 2.93 -16.31
CA ARG A 645 13.76 3.75 -16.89
C ARG A 645 12.36 3.37 -16.43
N LEU A 646 12.12 2.10 -16.08
CA LEU A 646 10.83 1.66 -15.57
C LEU A 646 10.63 2.07 -14.12
N VAL A 647 11.70 2.08 -13.33
CA VAL A 647 11.62 2.37 -11.91
C VAL A 647 11.47 3.86 -11.68
N GLY A 660 8.44 11.74 -14.46
CA GLY A 660 7.78 10.97 -13.42
C GLY A 660 6.29 10.82 -13.66
N TYR A 661 5.87 9.62 -14.08
CA TYR A 661 4.50 9.38 -14.53
C TYR A 661 3.88 8.07 -14.03
N LEU A 662 4.28 7.58 -12.85
CA LEU A 662 3.64 6.38 -12.32
C LEU A 662 2.30 6.65 -11.67
N THR A 663 2.05 7.89 -11.22
CA THR A 663 0.82 8.23 -10.53
C THR A 663 0.00 9.20 -11.39
N GLU A 664 0.13 9.07 -12.71
CA GLU A 664 -0.65 9.85 -13.65
C GLU A 664 -1.65 9.01 -14.45
N ALA A 665 -1.45 7.69 -14.53
CA ALA A 665 -2.26 6.88 -15.43
C ALA A 665 -2.93 5.68 -14.79
N VAL A 666 -2.42 5.14 -13.70
CA VAL A 666 -2.93 3.86 -13.22
C VAL A 666 -3.69 3.99 -11.89
N ARG A 667 -3.51 5.09 -11.15
CA ARG A 667 -4.08 5.20 -9.82
C ARG A 667 -5.44 5.89 -9.77
N ARG A 668 -5.78 6.71 -10.76
CA ARG A 668 -7.12 7.29 -10.82
C ARG A 668 -8.14 6.21 -11.16
N ARG A 669 -7.73 5.21 -11.92
CA ARG A 669 -8.56 4.06 -12.26
C ARG A 669 -7.73 2.81 -11.99
N PRO A 670 -7.87 2.18 -10.83
CA PRO A 670 -6.97 1.06 -10.49
C PRO A 670 -7.31 -0.24 -11.20
N TYR A 671 -8.59 -0.54 -11.36
CA TYR A 671 -9.04 -1.80 -11.94
C TYR A 671 -9.04 -1.70 -13.46
N SER A 672 -8.06 -2.35 -14.06
CA SER A 672 -7.73 -2.16 -15.47
C SER A 672 -7.17 -3.47 -16.04
N VAL A 673 -6.60 -3.38 -17.24
CA VAL A 673 -5.72 -4.41 -17.76
C VAL A 673 -4.31 -3.83 -17.73
N ILE A 674 -3.34 -4.71 -17.49
CA ILE A 674 -1.92 -4.38 -17.47
C ILE A 674 -1.21 -5.40 -18.34
N LEU A 675 -0.43 -4.92 -19.30
CA LEU A 675 0.17 -5.79 -20.30
C LEU A 675 1.66 -6.02 -20.04
N LEU A 676 2.13 -7.15 -20.59
CA LEU A 676 3.53 -7.40 -20.85
C LEU A 676 3.62 -8.52 -21.89
N ASP A 677 4.36 -8.25 -22.96
CA ASP A 677 4.59 -9.24 -24.01
C ASP A 677 6.00 -9.05 -24.55
N GLU A 678 6.48 -10.07 -25.25
CA GLU A 678 7.88 -10.22 -25.70
C GLU A 678 8.86 -10.10 -24.54
N VAL A 679 8.74 -11.04 -23.60
CA VAL A 679 9.74 -11.24 -22.56
C VAL A 679 10.42 -12.59 -22.80
N GLU A 680 11.48 -12.56 -23.61
CA GLU A 680 11.99 -13.77 -24.25
C GLU A 680 13.40 -14.15 -23.78
N LYS A 681 14.37 -13.26 -23.97
CA LYS A 681 15.78 -13.59 -23.75
C LYS A 681 16.41 -12.45 -22.95
N ALA A 682 16.43 -12.64 -21.64
CA ALA A 682 17.11 -11.71 -20.74
C ALA A 682 17.82 -12.53 -19.66
N HIS A 683 18.65 -11.86 -18.90
CA HIS A 683 19.37 -12.47 -17.80
C HIS A 683 18.69 -12.09 -16.48
N PRO A 684 19.04 -12.76 -15.37
CA PRO A 684 18.53 -12.33 -14.06
C PRO A 684 19.05 -10.97 -13.56
N ASP A 685 19.78 -10.20 -14.36
CA ASP A 685 19.99 -8.79 -14.04
C ASP A 685 18.69 -8.00 -14.16
N VAL A 686 17.82 -8.37 -15.10
CA VAL A 686 16.52 -7.72 -15.23
C VAL A 686 15.39 -8.68 -14.82
N PHE A 687 15.61 -10.00 -14.92
CA PHE A 687 14.63 -10.97 -14.45
C PHE A 687 14.53 -11.06 -12.93
N ASN A 688 15.44 -10.42 -12.18
CA ASN A 688 15.38 -10.48 -10.71
C ASN A 688 14.17 -9.74 -10.15
N ILE A 689 13.80 -8.62 -10.77
CA ILE A 689 12.52 -8.02 -10.45
C ILE A 689 11.39 -8.91 -10.95
N LEU A 690 11.53 -9.44 -12.17
CA LEU A 690 10.45 -10.15 -12.85
C LEU A 690 10.38 -11.63 -12.48
N LEU A 691 10.97 -12.04 -11.35
CA LEU A 691 10.83 -13.41 -10.88
C LEU A 691 9.70 -13.58 -9.88
N GLN A 692 9.30 -12.49 -9.21
CA GLN A 692 8.14 -12.50 -8.33
C GLN A 692 6.96 -11.78 -8.95
N VAL A 693 7.12 -11.26 -10.18
CA VAL A 693 6.00 -10.73 -10.95
C VAL A 693 5.32 -11.85 -11.73
N LEU A 694 5.92 -13.04 -11.76
CA LEU A 694 5.23 -14.24 -12.27
C LEU A 694 4.01 -14.58 -11.42
N ASP A 695 4.03 -14.18 -10.15
CA ASP A 695 2.96 -14.51 -9.21
C ASP A 695 2.80 -13.32 -8.26
N ASP A 696 2.11 -13.57 -7.14
CA ASP A 696 2.08 -12.77 -5.90
C ASP A 696 1.30 -11.45 -6.03
N GLY A 697 1.01 -11.01 -7.25
CA GLY A 697 0.18 -9.84 -7.45
C GLY A 697 0.77 -8.49 -7.06
N ARG A 698 1.10 -8.34 -5.77
CA ARG A 698 1.41 -7.02 -5.22
C ARG A 698 2.88 -6.70 -5.43
N LEU A 699 3.15 -5.52 -5.97
CA LEU A 699 4.48 -5.14 -6.43
C LEU A 699 5.23 -4.41 -5.32
N THR A 700 6.40 -4.94 -4.96
CA THR A 700 7.29 -4.31 -4.00
C THR A 700 8.67 -4.22 -4.65
N ASP A 701 8.84 -3.19 -5.47
CA ASP A 701 10.16 -2.79 -5.96
C ASP A 701 10.38 -1.33 -5.57
N GLY A 702 9.45 -0.48 -5.98
CA GLY A 702 9.41 0.91 -5.57
C GLY A 702 7.96 1.33 -5.38
N GLN A 703 7.06 0.37 -5.60
CA GLN A 703 5.64 0.62 -5.44
C GLN A 703 5.24 0.49 -3.97
N GLY A 704 5.42 -0.70 -3.38
CA GLY A 704 5.28 -0.89 -1.95
C GLY A 704 3.88 -1.13 -1.43
N ARG A 705 2.88 -0.51 -2.05
CA ARG A 705 1.50 -0.53 -1.61
C ARG A 705 0.78 -1.80 -2.02
N THR A 706 -0.56 -1.78 -1.92
CA THR A 706 -1.40 -2.83 -2.48
C THR A 706 -1.54 -2.57 -3.98
N VAL A 707 -0.86 -3.37 -4.79
CA VAL A 707 -0.96 -3.30 -6.24
C VAL A 707 -1.87 -4.46 -6.65
N ASP A 708 -3.17 -4.17 -6.75
CA ASP A 708 -4.22 -5.19 -6.75
C ASP A 708 -4.28 -5.96 -8.07
N PHE A 709 -3.20 -6.69 -8.37
CA PHE A 709 -3.07 -7.40 -9.63
C PHE A 709 -3.79 -8.74 -9.63
N ARG A 710 -4.44 -9.11 -8.53
CA ARG A 710 -5.32 -10.27 -8.55
C ARG A 710 -6.69 -9.88 -9.11
N ASN A 711 -7.04 -8.59 -9.05
CA ASN A 711 -8.22 -8.07 -9.71
C ASN A 711 -7.87 -7.19 -10.91
N THR A 712 -6.58 -6.95 -11.13
CA THR A 712 -6.04 -6.42 -12.38
C THR A 712 -5.49 -7.67 -13.08
N VAL A 713 -4.77 -7.56 -14.21
CA VAL A 713 -4.24 -8.76 -14.84
C VAL A 713 -2.71 -8.69 -14.89
N VAL A 714 -2.08 -9.87 -14.81
CA VAL A 714 -0.65 -10.05 -15.03
C VAL A 714 -0.49 -11.04 -16.16
N ILE A 715 0.08 -10.59 -17.27
CA ILE A 715 0.24 -11.41 -18.46
C ILE A 715 1.69 -11.31 -18.92
N MET A 716 2.27 -12.46 -19.28
CA MET A 716 3.53 -12.48 -20.02
C MET A 716 3.39 -13.41 -21.21
N THR A 717 3.87 -12.94 -22.35
CA THR A 717 3.99 -13.74 -23.56
C THR A 717 5.32 -13.41 -24.22
N SER A 718 5.75 -14.30 -25.11
CA SER A 718 6.90 -14.06 -25.97
C SER A 718 6.49 -14.38 -27.39
N ASN A 719 6.60 -13.39 -28.27
CA ASN A 719 6.01 -13.46 -29.59
C ASN A 719 7.09 -13.45 -30.66
N LEU A 720 8.15 -14.23 -30.44
CA LEU A 720 9.30 -14.28 -31.35
C LEU A 720 8.90 -14.99 -32.63
N GLY A 721 8.51 -14.19 -33.63
CA GLY A 721 8.12 -14.70 -34.93
C GLY A 721 8.90 -14.04 -36.05
N SER A 722 10.17 -13.75 -35.79
CA SER A 722 10.98 -12.92 -36.66
C SER A 722 11.80 -13.68 -37.67
N ASP A 723 12.61 -14.63 -37.21
CA ASP A 723 13.44 -15.42 -38.11
C ASP A 723 13.22 -16.92 -37.95
N LEU A 724 14.03 -17.70 -38.67
CA LEU A 724 13.98 -19.16 -38.65
C LEU A 724 12.60 -19.77 -38.92
N ILE A 725 11.71 -19.01 -39.55
CA ILE A 725 10.38 -19.54 -39.86
C ILE A 725 9.52 -18.28 -39.92
N GLN A 726 8.72 -18.11 -40.96
CA GLN A 726 7.93 -16.91 -41.12
C GLN A 726 6.72 -17.22 -42.00
N GLU A 727 5.80 -16.28 -42.03
CA GLU A 727 4.65 -16.31 -42.94
C GLU A 727 5.13 -15.94 -44.35
N ARG A 728 4.21 -15.85 -45.29
CA ARG A 728 4.51 -15.08 -46.50
C ARG A 728 3.54 -13.91 -46.67
N PHE A 729 2.23 -14.17 -46.78
CA PHE A 729 1.24 -13.10 -46.91
C PHE A 729 -0.07 -13.33 -46.17
N GLY A 730 -0.41 -14.55 -45.74
CA GLY A 730 -1.60 -14.80 -44.94
C GLY A 730 -2.67 -15.81 -45.32
N GLU A 731 -2.36 -16.88 -46.08
CA GLU A 731 -3.32 -17.98 -46.34
C GLU A 731 -2.56 -19.30 -46.48
N LEU A 732 -2.47 -20.08 -45.41
CA LEU A 732 -2.05 -21.48 -45.50
C LEU A 732 -2.82 -22.33 -44.50
N ASP A 733 -2.42 -23.60 -44.43
CA ASP A 733 -3.09 -24.62 -43.63
C ASP A 733 -2.45 -24.70 -42.23
N TYR A 734 -2.76 -25.77 -41.50
CA TYR A 734 -2.34 -25.90 -40.11
C TYR A 734 -1.43 -27.11 -39.90
N ALA A 735 -0.45 -27.29 -40.79
CA ALA A 735 0.49 -28.41 -40.69
C ALA A 735 1.87 -27.95 -40.25
N HIS A 736 1.96 -26.73 -39.71
CA HIS A 736 3.23 -26.18 -39.22
C HIS A 736 3.04 -25.53 -37.85
N MET A 737 2.41 -26.25 -36.91
CA MET A 737 2.02 -25.65 -35.64
C MET A 737 3.20 -25.53 -34.69
N LYS A 738 3.76 -26.67 -34.27
CA LYS A 738 4.78 -26.73 -33.21
C LYS A 738 5.83 -27.76 -33.64
N GLU A 739 6.99 -27.28 -34.08
CA GLU A 739 8.02 -28.20 -34.56
C GLU A 739 9.41 -27.88 -34.02
N LEU A 740 9.65 -26.64 -33.60
CA LEU A 740 10.98 -26.22 -33.18
C LEU A 740 10.96 -25.82 -31.71
N VAL A 741 11.64 -26.63 -30.90
CA VAL A 741 11.65 -26.39 -29.46
C VAL A 741 12.87 -25.56 -29.05
N LEU A 742 14.05 -25.98 -29.49
CA LEU A 742 15.30 -25.28 -29.19
C LEU A 742 15.80 -24.49 -30.39
N GLY A 743 14.89 -24.07 -31.26
CA GLY A 743 15.28 -23.51 -32.53
C GLY A 743 14.77 -22.12 -32.87
N VAL A 744 13.69 -21.68 -32.26
CA VAL A 744 13.02 -20.45 -32.66
C VAL A 744 13.08 -19.37 -31.58
N VAL A 745 12.93 -19.75 -30.31
CA VAL A 745 12.87 -18.80 -29.20
C VAL A 745 14.07 -19.04 -28.31
N SER A 746 14.42 -20.31 -28.14
CA SER A 746 15.38 -20.79 -27.13
C SER A 746 16.73 -21.08 -27.76
N HIS A 747 17.17 -20.16 -28.62
CA HIS A 747 18.41 -20.25 -29.37
C HIS A 747 19.61 -20.56 -28.48
N ASN A 748 19.82 -19.75 -27.43
CA ASN A 748 20.97 -19.95 -26.56
C ASN A 748 20.60 -19.94 -25.08
N PHE A 749 19.36 -20.29 -24.75
CA PHE A 749 18.92 -20.21 -23.36
C PHE A 749 18.37 -21.58 -22.94
N ARG A 750 18.20 -21.73 -21.62
CA ARG A 750 17.96 -23.03 -21.01
C ARG A 750 16.57 -23.58 -21.36
N PRO A 751 16.42 -24.91 -21.41
CA PRO A 751 15.11 -25.50 -21.68
C PRO A 751 14.13 -25.42 -20.51
N GLU A 752 14.57 -24.99 -19.32
CA GLU A 752 13.66 -24.73 -18.22
C GLU A 752 12.92 -23.42 -18.35
N PHE A 753 13.25 -22.61 -19.36
CA PHE A 753 12.54 -21.40 -19.73
C PHE A 753 11.49 -21.65 -20.80
N ILE A 754 11.48 -22.85 -21.39
CA ILE A 754 10.54 -23.21 -22.45
C ILE A 754 9.75 -24.48 -22.14
N ASN A 755 9.89 -25.05 -20.93
CA ASN A 755 8.95 -26.06 -20.47
C ASN A 755 8.07 -25.59 -19.32
N ARG A 756 8.19 -24.31 -18.95
CA ARG A 756 7.37 -23.71 -17.90
C ARG A 756 6.20 -22.92 -18.48
N ILE A 757 5.75 -23.29 -19.67
CA ILE A 757 4.63 -22.62 -20.34
C ILE A 757 3.39 -23.51 -20.23
N ASP A 758 2.27 -22.90 -19.81
CA ASP A 758 0.99 -23.61 -19.78
C ASP A 758 0.41 -23.75 -21.18
N GLU A 759 0.17 -22.63 -21.85
CA GLU A 759 -0.55 -22.62 -23.13
C GLU A 759 0.46 -22.59 -24.26
N VAL A 760 0.89 -23.78 -24.69
CA VAL A 760 1.84 -23.90 -25.79
C VAL A 760 1.00 -23.86 -27.06
N VAL A 761 0.65 -22.64 -27.47
CA VAL A 761 -0.29 -22.43 -28.57
C VAL A 761 0.24 -21.33 -29.48
N VAL A 762 -0.25 -21.33 -30.71
CA VAL A 762 0.17 -20.40 -31.76
C VAL A 762 -0.89 -20.44 -32.86
N PHE A 763 -0.94 -19.39 -33.67
CA PHE A 763 -1.65 -19.48 -34.93
C PHE A 763 -0.67 -19.87 -36.02
N HIS A 764 -1.13 -19.87 -37.28
CA HIS A 764 -0.39 -20.50 -38.36
C HIS A 764 0.71 -19.57 -38.89
N PRO A 765 1.73 -20.14 -39.60
CA PRO A 765 2.60 -19.31 -40.45
C PRO A 765 2.04 -19.14 -41.87
N LEU A 766 0.74 -18.87 -41.92
CA LEU A 766 -0.01 -18.72 -43.16
C LEU A 766 0.84 -18.00 -44.18
N GLY A 767 0.41 -17.97 -45.43
CA GLY A 767 1.23 -17.28 -46.42
C GLY A 767 0.56 -16.99 -47.75
N GLU A 768 1.35 -16.37 -48.63
CA GLU A 768 1.29 -16.45 -50.09
C GLU A 768 0.19 -15.65 -50.79
N GLN A 769 -0.86 -15.17 -50.09
CA GLN A 769 -1.94 -14.55 -50.85
C GLN A 769 -2.72 -13.37 -50.25
N HIS A 770 -2.38 -12.89 -49.05
CA HIS A 770 -3.45 -12.22 -48.31
C HIS A 770 -3.08 -10.94 -47.55
N ILE A 771 -1.89 -10.37 -47.78
CA ILE A 771 -1.46 -9.22 -46.98
C ILE A 771 -2.22 -7.95 -47.32
N ALA A 772 -2.79 -7.85 -48.53
CA ALA A 772 -3.69 -6.76 -48.86
C ALA A 772 -5.11 -7.02 -48.39
N SER A 773 -5.33 -8.13 -47.68
CA SER A 773 -6.63 -8.47 -47.13
C SER A 773 -6.64 -8.57 -45.61
N ILE A 774 -5.55 -8.97 -44.98
CA ILE A 774 -5.42 -8.76 -43.54
C ILE A 774 -5.22 -7.29 -43.25
N ALA A 775 -4.39 -6.64 -44.07
CA ALA A 775 -4.37 -5.19 -44.19
C ALA A 775 -5.17 -4.79 -45.42
N GLN A 776 -6.48 -4.98 -45.31
CA GLN A 776 -7.46 -4.50 -46.27
C GLN A 776 -7.89 -3.06 -45.99
N ILE A 777 -7.26 -2.42 -44.99
CA ILE A 777 -7.59 -1.05 -44.61
C ILE A 777 -7.14 -0.06 -45.68
N GLN A 778 -6.17 -0.44 -46.50
CA GLN A 778 -5.69 0.40 -47.60
C GLN A 778 -6.16 -0.11 -48.95
N LEU A 779 -7.04 -1.09 -48.97
CA LEU A 779 -7.70 -1.53 -50.19
C LEU A 779 -9.20 -1.25 -50.16
N LYS A 780 -9.89 -1.70 -49.13
CA LYS A 780 -11.32 -1.44 -49.04
C LYS A 780 -11.57 0.01 -48.67
N ARG A 781 -11.09 0.44 -47.50
CA ARG A 781 -11.45 1.73 -46.94
C ARG A 781 -10.91 2.89 -47.76
N LEU A 782 -9.74 2.75 -48.36
CA LEU A 782 -9.14 3.84 -49.10
C LEU A 782 -9.70 3.97 -50.51
N TYR A 783 -10.36 2.94 -51.02
CA TYR A 783 -10.88 2.97 -52.38
C TYR A 783 -12.40 2.92 -52.43
N LYS A 784 -13.07 2.97 -51.28
CA LYS A 784 -14.40 3.53 -51.20
C LYS A 784 -14.37 4.93 -50.59
N ARG A 785 -13.23 5.62 -50.71
CA ARG A 785 -13.05 6.95 -50.14
C ARG A 785 -13.98 7.96 -50.79
N LEU A 786 -14.07 7.95 -52.12
CA LEU A 786 -15.06 8.74 -52.83
C LEU A 786 -16.30 7.89 -53.08
N GLU A 787 -17.00 7.57 -51.98
CA GLU A 787 -18.24 6.82 -52.10
C GLU A 787 -19.41 7.71 -52.50
N GLU A 788 -19.23 9.03 -52.41
CA GLU A 788 -20.25 9.98 -52.83
C GLU A 788 -19.85 10.57 -54.18
N ARG A 789 -20.57 11.61 -54.61
CA ARG A 789 -20.44 12.29 -55.90
C ARG A 789 -20.61 11.34 -57.10
N GLY A 790 -21.31 10.22 -56.92
CA GLY A 790 -21.46 9.24 -57.98
C GLY A 790 -20.18 8.51 -58.36
N TYR A 791 -19.27 8.32 -57.42
CA TYR A 791 -17.95 7.76 -57.68
C TYR A 791 -17.77 6.42 -56.99
N GLU A 792 -16.91 5.58 -57.57
CA GLU A 792 -16.55 4.28 -57.02
C GLU A 792 -15.25 3.84 -57.66
N ILE A 793 -14.23 3.54 -56.86
CA ILE A 793 -12.91 3.21 -57.35
C ILE A 793 -12.80 1.69 -57.44
N HIS A 794 -12.78 1.17 -58.66
CA HIS A 794 -12.61 -0.25 -58.93
C HIS A 794 -11.16 -0.55 -59.28
N ILE A 795 -10.64 -1.60 -58.67
CA ILE A 795 -9.23 -1.98 -58.82
C ILE A 795 -9.12 -3.13 -59.79
N SER A 796 -8.01 -3.16 -60.52
CA SER A 796 -7.77 -4.24 -61.48
C SER A 796 -7.21 -5.46 -60.78
N ASP A 797 -7.21 -6.58 -61.52
CA ASP A 797 -6.63 -7.82 -61.05
C ASP A 797 -5.11 -7.79 -60.98
N GLU A 798 -4.47 -6.81 -61.62
CA GLU A 798 -3.04 -6.61 -61.48
C GLU A 798 -2.66 -6.21 -60.08
N ALA A 799 -3.42 -5.31 -59.46
CA ALA A 799 -3.21 -4.94 -58.07
C ALA A 799 -3.99 -5.84 -57.12
N LEU A 800 -4.60 -6.90 -57.63
CA LEU A 800 -5.37 -7.83 -56.82
C LEU A 800 -4.80 -9.23 -56.81
N LYS A 801 -4.60 -9.85 -57.97
CA LYS A 801 -4.15 -11.23 -58.04
C LYS A 801 -2.83 -11.44 -58.76
N LEU A 802 -2.34 -10.41 -59.44
CA LEU A 802 -1.07 -10.50 -60.17
C LEU A 802 0.14 -10.40 -59.26
N LEU A 803 0.21 -9.32 -58.48
CA LEU A 803 1.33 -9.09 -57.57
C LEU A 803 1.02 -9.51 -56.14
N SER A 804 -0.08 -10.22 -55.95
CA SER A 804 -0.48 -10.68 -54.63
C SER A 804 0.52 -11.67 -54.04
N GLU A 805 1.61 -11.95 -54.75
CA GLU A 805 2.58 -12.90 -54.24
C GLU A 805 4.05 -12.56 -54.49
N ASN A 806 4.39 -11.51 -55.25
CA ASN A 806 5.72 -11.48 -55.87
C ASN A 806 6.80 -10.91 -54.95
N GLY A 807 6.65 -9.67 -54.49
CA GLY A 807 7.73 -9.00 -53.79
C GLY A 807 7.84 -9.34 -52.33
N TYR A 808 7.92 -10.63 -52.00
CA TYR A 808 7.93 -11.09 -50.61
C TYR A 808 9.29 -10.81 -49.99
N ASP A 809 9.27 -10.03 -48.91
CA ASP A 809 10.40 -9.83 -48.05
C ASP A 809 10.01 -10.11 -46.60
N PRO A 810 10.79 -10.89 -45.86
CA PRO A 810 10.35 -11.35 -44.55
C PRO A 810 10.64 -10.38 -43.40
N VAL A 811 10.97 -9.12 -43.72
CA VAL A 811 11.33 -8.12 -42.73
C VAL A 811 10.30 -7.00 -42.65
N TYR A 812 9.91 -6.45 -43.79
CA TYR A 812 9.17 -5.19 -43.84
C TYR A 812 7.67 -5.39 -43.78
N GLY A 813 7.10 -6.10 -44.75
CA GLY A 813 5.70 -6.45 -44.75
C GLY A 813 4.74 -5.38 -45.20
N ALA A 814 4.51 -4.38 -44.35
CA ALA A 814 3.44 -3.40 -44.57
C ALA A 814 3.89 -2.23 -45.43
N ARG A 815 5.14 -1.81 -45.34
CA ARG A 815 5.59 -0.77 -46.25
C ARG A 815 5.82 -1.19 -47.72
N PRO A 816 6.20 -2.43 -48.09
CA PRO A 816 6.19 -2.75 -49.52
C PRO A 816 4.82 -3.00 -50.09
N LEU A 817 3.81 -3.20 -49.25
CA LEU A 817 2.42 -3.04 -49.69
C LEU A 817 2.18 -1.62 -50.18
N LYS A 818 2.74 -0.64 -49.48
CA LYS A 818 2.68 0.76 -49.87
C LYS A 818 3.91 1.19 -50.65
N ARG A 819 4.61 0.24 -51.27
CA ARG A 819 5.72 0.53 -52.16
C ARG A 819 5.62 -0.21 -53.48
N ALA A 820 4.98 -1.38 -53.51
CA ALA A 820 4.69 -2.03 -54.78
C ALA A 820 3.37 -1.54 -55.36
N ILE A 821 2.49 -1.01 -54.53
CA ILE A 821 1.23 -0.41 -54.97
C ILE A 821 1.25 1.06 -54.58
N GLN A 822 2.42 1.69 -54.68
CA GLN A 822 2.58 3.10 -54.31
C GLN A 822 2.37 4.04 -55.49
N GLN A 823 1.91 3.52 -56.61
CA GLN A 823 1.95 4.22 -57.89
C GLN A 823 0.58 4.32 -58.54
N GLN A 824 -0.49 4.20 -57.76
CA GLN A 824 -1.84 4.28 -58.32
C GLN A 824 -2.86 5.01 -57.48
N ILE A 825 -2.51 5.52 -56.29
CA ILE A 825 -3.52 5.77 -55.26
C ILE A 825 -4.27 7.06 -55.53
N GLU A 826 -3.58 8.21 -55.49
CA GLU A 826 -4.27 9.49 -55.59
C GLU A 826 -3.96 10.25 -56.87
N ASN A 827 -2.70 10.59 -57.13
CA ASN A 827 -2.40 11.37 -58.33
C ASN A 827 -2.17 10.59 -59.62
N PRO A 828 -1.60 9.37 -59.63
CA PRO A 828 -1.78 8.53 -60.82
C PRO A 828 -3.23 8.17 -61.08
N LEU A 829 -4.06 8.13 -60.02
CA LEU A 829 -5.50 8.16 -60.22
C LEU A 829 -5.94 9.51 -60.76
N ALA A 830 -5.27 10.60 -60.36
CA ALA A 830 -5.68 11.93 -60.80
C ALA A 830 -5.03 12.33 -62.13
N GLN A 831 -4.72 11.37 -62.99
CA GLN A 831 -4.31 11.71 -64.34
C GLN A 831 -5.50 12.11 -65.20
N GLN A 832 -6.67 11.51 -64.96
CA GLN A 832 -7.90 11.87 -65.67
C GLN A 832 -9.12 12.04 -64.77
N ILE A 833 -9.00 11.91 -63.44
CA ILE A 833 -10.17 11.95 -62.58
C ILE A 833 -10.35 13.33 -61.97
N LEU A 834 -9.29 13.92 -61.45
CA LEU A 834 -9.37 15.18 -60.73
C LEU A 834 -9.21 16.37 -61.67
N SER A 835 -9.62 17.55 -61.17
CA SER A 835 -9.32 18.87 -61.72
C SER A 835 -9.88 19.04 -63.15
N GLY A 836 -11.21 19.04 -63.23
CA GLY A 836 -11.91 19.39 -64.45
C GLY A 836 -12.73 18.27 -65.05
N GLU A 837 -12.50 17.03 -64.65
CA GLU A 837 -13.19 15.86 -65.19
C GLU A 837 -14.04 15.17 -64.12
N LEU A 838 -14.73 15.95 -63.29
CA LEU A 838 -15.59 15.43 -62.25
C LEU A 838 -17.02 15.14 -62.74
N VAL A 839 -17.22 15.04 -64.05
CA VAL A 839 -18.55 14.75 -64.61
C VAL A 839 -18.86 13.27 -64.40
N PRO A 840 -20.08 12.91 -63.99
CA PRO A 840 -20.41 11.48 -63.85
C PRO A 840 -20.86 10.87 -65.18
N GLY A 841 -21.04 9.55 -65.15
CA GLY A 841 -21.42 8.81 -66.33
C GLY A 841 -20.35 7.85 -66.80
N LYS A 842 -19.36 7.60 -65.95
CA LYS A 842 -18.23 6.75 -66.30
C LYS A 842 -17.77 5.98 -65.07
N VAL A 843 -17.07 4.87 -65.31
CA VAL A 843 -16.68 3.91 -64.28
C VAL A 843 -15.17 3.92 -64.15
N ILE A 844 -14.68 4.03 -62.91
CA ILE A 844 -13.25 4.05 -62.64
C ILE A 844 -12.71 2.63 -62.76
N ARG A 845 -11.61 2.48 -63.50
CA ARG A 845 -10.99 1.18 -63.73
C ARG A 845 -9.48 1.36 -63.89
N LEU A 846 -8.75 0.25 -63.74
CA LEU A 846 -7.36 0.16 -64.16
C LEU A 846 -7.22 -0.90 -65.23
N GLU A 847 -6.12 -0.86 -65.97
CA GLU A 847 -5.99 -1.57 -67.22
C GLU A 847 -4.73 -2.46 -67.20
N VAL A 848 -4.52 -3.17 -68.30
CA VAL A 848 -3.36 -4.05 -68.45
C VAL A 848 -2.17 -3.22 -68.91
N ASN A 849 -1.29 -2.90 -67.97
CA ASN A 849 -0.07 -2.15 -68.23
C ASN A 849 1.04 -2.80 -67.42
N GLU A 850 2.14 -2.07 -67.24
CA GLU A 850 3.21 -2.50 -66.33
C GLU A 850 2.84 -2.10 -64.91
N ASP A 851 3.82 -2.15 -63.99
CA ASP A 851 3.52 -2.08 -62.56
C ASP A 851 3.05 -0.69 -62.13
N ARG A 852 3.42 0.36 -62.88
CA ARG A 852 2.81 1.67 -62.69
C ARG A 852 1.81 1.91 -63.82
N ILE A 853 0.56 2.21 -63.43
CA ILE A 853 -0.54 2.42 -64.37
C ILE A 853 -0.98 3.88 -64.27
N VAL A 854 -1.22 4.50 -65.41
CA VAL A 854 -2.03 5.71 -65.47
C VAL A 854 -3.48 5.27 -65.51
N ALA A 855 -4.26 5.62 -64.49
CA ALA A 855 -5.63 5.13 -64.38
C ALA A 855 -6.53 5.98 -65.27
N VAL A 856 -6.59 5.61 -66.55
CA VAL A 856 -7.43 6.30 -67.53
C VAL A 856 -8.84 5.72 -67.45
N GLN A 857 -9.84 6.57 -67.65
CA GLN A 857 -11.23 6.18 -67.56
C GLN A 857 -11.91 6.25 -68.93
N LEU B 161 -1.12 43.98 28.52
CA LEU B 161 -2.03 42.84 28.43
C LEU B 161 -3.46 43.31 28.59
N LYS B 162 -3.82 44.32 27.79
CA LYS B 162 -5.08 45.04 28.01
C LYS B 162 -6.28 44.24 27.56
N LYS B 163 -6.19 43.57 26.40
CA LYS B 163 -7.31 42.79 25.90
C LYS B 163 -7.50 41.52 26.72
N TYR B 164 -6.44 40.70 26.82
CA TYR B 164 -6.49 39.51 27.64
C TYR B 164 -5.21 39.41 28.47
N THR B 165 -5.21 38.49 29.43
CA THR B 165 -4.11 38.30 30.36
C THR B 165 -3.85 36.81 30.57
N ILE B 166 -3.83 36.04 29.47
CA ILE B 166 -3.61 34.60 29.51
C ILE B 166 -2.18 34.32 29.99
N ASP B 167 -2.07 33.63 31.11
CA ASP B 167 -0.83 33.49 31.85
C ASP B 167 -0.53 32.00 32.01
N LEU B 168 0.68 31.61 31.65
CA LEU B 168 1.08 30.22 31.86
C LEU B 168 1.42 29.96 33.31
N THR B 169 1.95 30.97 34.02
CA THR B 169 2.31 30.78 35.42
C THR B 169 1.10 30.74 36.34
N GLU B 170 -0.01 31.38 35.94
CA GLU B 170 -1.25 31.23 36.68
C GLU B 170 -1.81 29.82 36.54
N ARG B 171 -1.67 29.23 35.35
CA ARG B 171 -2.05 27.84 35.14
C ARG B 171 -1.15 26.88 35.92
N ALA B 172 0.03 27.32 36.31
CA ALA B 172 0.90 26.55 37.19
C ALA B 172 0.52 26.69 38.65
N GLU B 173 0.06 27.87 39.07
CA GLU B 173 -0.30 28.06 40.46
C GLU B 173 -1.67 27.47 40.78
N GLN B 174 -2.50 27.26 39.77
CA GLN B 174 -3.79 26.62 39.95
C GLN B 174 -3.73 25.13 39.68
N GLY B 175 -2.65 24.63 39.10
CA GLY B 175 -2.54 23.22 38.81
C GLY B 175 -3.18 22.77 37.52
N LYS B 176 -3.57 23.70 36.66
CA LYS B 176 -4.16 23.30 35.38
C LYS B 176 -3.11 22.76 34.43
N LEU B 177 -1.88 23.24 34.50
CA LEU B 177 -0.78 22.55 33.86
C LEU B 177 -0.57 21.20 34.53
N ASP B 178 -0.22 20.21 33.73
CA ASP B 178 -0.06 18.85 34.25
C ASP B 178 1.19 18.77 35.12
N PRO B 179 1.17 17.99 36.20
CA PRO B 179 2.38 17.80 37.02
C PRO B 179 3.48 17.12 36.22
N VAL B 180 4.67 17.72 36.26
CA VAL B 180 5.78 17.35 35.40
C VAL B 180 6.93 16.81 36.25
N ILE B 181 7.64 15.82 35.70
CA ILE B 181 8.79 15.19 36.34
C ILE B 181 9.82 14.83 35.27
N GLY B 182 11.03 14.54 35.74
CA GLY B 182 12.15 14.28 34.86
C GLY B 182 12.51 15.55 34.10
N ARG B 183 13.19 15.35 32.97
CA ARG B 183 13.44 16.37 31.94
C ARG B 183 14.17 17.59 32.50
N ASP B 184 15.15 17.32 33.36
CA ASP B 184 16.01 18.36 33.87
C ASP B 184 17.38 18.35 33.23
N GLU B 185 17.68 17.35 32.41
CA GLU B 185 18.90 17.40 31.60
C GLU B 185 18.76 18.43 30.49
N GLU B 186 17.53 18.68 30.04
CA GLU B 186 17.26 19.62 28.96
C GLU B 186 16.38 20.78 29.39
N ILE B 187 16.26 21.02 30.69
CA ILE B 187 15.92 22.35 31.18
C ILE B 187 17.21 23.13 31.45
N ARG B 188 18.30 22.43 31.70
CA ARG B 188 19.63 23.03 31.84
C ARG B 188 20.22 23.54 30.52
N ARG B 189 19.47 23.49 29.43
CA ARG B 189 19.81 24.26 28.24
C ARG B 189 18.73 25.28 27.88
N THR B 190 17.47 24.89 27.99
CA THR B 190 16.36 25.78 27.68
C THR B 190 16.49 27.09 28.45
N ILE B 191 16.97 27.01 29.68
CA ILE B 191 17.15 28.19 30.52
C ILE B 191 18.46 28.88 30.19
N GLN B 192 19.50 28.08 29.95
CA GLN B 192 20.82 28.63 29.62
C GLN B 192 20.81 29.39 28.29
N VAL B 193 19.91 29.03 27.39
CA VAL B 193 19.76 29.84 26.20
C VAL B 193 18.55 30.78 26.34
N LEU B 194 17.89 30.78 27.49
CA LEU B 194 16.78 31.71 27.70
C LEU B 194 17.19 32.95 28.47
N GLN B 195 17.91 32.80 29.59
CA GLN B 195 18.29 33.93 30.41
C GLN B 195 19.56 34.61 29.94
N ARG B 196 19.93 34.40 28.69
CA ARG B 196 21.17 34.95 28.14
C ARG B 196 20.95 36.43 27.80
N ARG B 197 22.00 37.09 27.30
CA ARG B 197 21.90 38.48 26.84
C ARG B 197 21.33 38.53 25.42
N THR B 198 21.91 37.77 24.52
CA THR B 198 21.38 37.54 23.18
C THR B 198 21.01 36.08 23.00
N LYS B 199 20.42 35.76 21.84
CA LYS B 199 19.96 34.41 21.48
C LYS B 199 19.00 33.83 22.53
N ASN B 200 18.00 34.65 22.88
CA ASN B 200 17.14 34.43 24.03
C ASN B 200 15.85 33.71 23.68
N ASN B 201 15.84 32.93 22.62
CA ASN B 201 14.60 32.29 22.18
C ASN B 201 14.90 30.83 21.86
N PRO B 202 14.59 29.91 22.77
CA PRO B 202 14.84 28.49 22.51
C PRO B 202 13.78 27.91 21.60
N VAL B 203 14.18 26.89 20.83
CA VAL B 203 13.27 26.13 19.98
C VAL B 203 13.53 24.65 20.21
N LEU B 204 12.50 23.94 20.66
CA LEU B 204 12.65 22.53 21.00
C LEU B 204 12.38 21.65 19.80
N ILE B 205 13.41 20.96 19.34
CA ILE B 205 13.44 20.29 18.04
C ILE B 205 13.44 18.79 18.24
N GLY B 206 12.47 18.09 17.68
CA GLY B 206 12.46 16.65 17.78
C GLY B 206 11.31 16.04 17.01
N GLU B 207 10.80 14.94 17.54
CA GLU B 207 9.65 14.28 16.96
C GLU B 207 8.38 14.79 17.65
N PRO B 208 7.24 14.78 16.95
CA PRO B 208 6.04 15.43 17.52
C PRO B 208 5.46 14.66 18.69
N GLY B 209 5.75 15.14 19.90
CA GLY B 209 5.30 14.50 21.12
C GLY B 209 6.42 13.96 21.98
N VAL B 210 7.61 14.54 21.84
CA VAL B 210 8.78 14.09 22.59
C VAL B 210 8.76 14.55 24.05
N GLY B 211 8.08 15.64 24.36
CA GLY B 211 8.27 16.27 25.65
C GLY B 211 8.45 17.77 25.59
N LYS B 212 7.95 18.40 24.52
CA LYS B 212 7.91 19.85 24.46
C LYS B 212 6.99 20.46 25.50
N THR B 213 5.97 19.71 25.95
CA THR B 213 5.24 20.07 27.17
C THR B 213 6.09 19.81 28.41
N ALA B 214 6.91 18.77 28.37
CA ALA B 214 7.66 18.34 29.54
C ALA B 214 8.76 19.30 29.92
N ILE B 215 9.19 20.17 29.02
CA ILE B 215 10.24 21.13 29.28
C ILE B 215 9.69 22.53 29.48
N VAL B 216 8.93 23.02 28.50
CA VAL B 216 8.51 24.42 28.50
C VAL B 216 7.35 24.64 29.46
N GLU B 217 6.32 23.78 29.35
CA GLU B 217 5.09 24.01 30.09
C GLU B 217 5.22 23.65 31.56
N GLY B 218 6.29 22.97 31.94
CA GLY B 218 6.60 22.79 33.35
C GLY B 218 7.52 23.85 33.92
N LEU B 219 8.08 24.71 33.07
CA LEU B 219 8.96 25.76 33.56
C LEU B 219 8.17 26.79 34.34
N ALA B 220 6.93 27.06 33.93
CA ALA B 220 6.03 27.89 34.74
C ALA B 220 5.71 27.23 36.07
N GLN B 221 5.62 25.89 36.08
CA GLN B 221 5.54 25.15 37.34
C GLN B 221 6.86 25.15 38.08
N ARG B 222 7.96 25.45 37.40
CA ARG B 222 9.26 25.52 38.06
C ARG B 222 9.56 26.92 38.58
N ILE B 223 8.87 27.95 38.08
CA ILE B 223 9.12 29.32 38.53
C ILE B 223 8.64 29.51 39.96
N ILE B 224 7.40 29.11 40.24
CA ILE B 224 6.81 29.35 41.55
C ILE B 224 7.36 28.42 42.64
N ASN B 225 8.10 27.39 42.25
CA ASN B 225 8.74 26.49 43.21
C ASN B 225 10.24 26.75 43.32
N GLY B 226 10.74 27.83 42.71
CA GLY B 226 11.96 28.47 43.13
C GLY B 226 13.27 27.82 42.75
N GLU B 227 13.26 26.72 41.98
CA GLU B 227 14.50 26.05 41.61
C GLU B 227 15.04 26.55 40.27
N VAL B 228 14.62 27.74 39.83
CA VAL B 228 15.08 28.34 38.59
C VAL B 228 16.25 29.26 38.91
N PRO B 229 17.12 29.57 37.95
CA PRO B 229 18.24 30.48 38.25
C PRO B 229 17.80 31.91 38.52
N GLU B 230 18.69 32.64 39.19
CA GLU B 230 18.44 34.04 39.46
C GLU B 230 18.65 34.86 38.19
N GLY B 231 17.84 35.90 38.04
CA GLY B 231 17.74 36.61 36.77
C GLY B 231 16.43 36.21 36.12
N LEU B 232 16.11 34.92 36.21
CA LEU B 232 14.80 34.43 35.86
C LEU B 232 13.80 34.59 37.01
N LYS B 233 14.26 35.04 38.18
CA LYS B 233 13.39 35.25 39.32
C LYS B 233 12.44 36.41 39.06
N GLY B 234 11.16 36.21 39.37
CA GLY B 234 10.18 37.23 39.10
C GLY B 234 9.82 37.36 37.64
N ARG B 235 10.06 36.32 36.85
CA ARG B 235 9.69 36.31 35.44
C ARG B 235 8.43 35.48 35.28
N ARG B 236 7.42 36.06 34.65
CA ARG B 236 6.17 35.37 34.37
C ARG B 236 6.18 34.96 32.91
N VAL B 237 5.96 33.67 32.65
CA VAL B 237 5.81 33.19 31.28
C VAL B 237 4.38 33.43 30.84
N LEU B 238 4.21 34.22 29.80
CA LEU B 238 2.88 34.56 29.30
C LEU B 238 2.61 33.85 27.99
N ALA B 239 1.44 34.12 27.45
CA ALA B 239 1.02 33.60 26.15
C ALA B 239 0.04 34.58 25.54
N LEU B 240 -0.37 34.30 24.31
CA LEU B 240 -1.40 35.10 23.67
C LEU B 240 -2.68 34.27 23.55
N ASP B 241 -3.68 34.83 22.87
CA ASP B 241 -4.86 34.09 22.45
C ASP B 241 -4.74 33.68 21.00
N MET B 242 -3.52 33.32 20.61
CA MET B 242 -3.20 32.95 19.24
C MET B 242 -3.79 31.58 18.93
N GLY B 243 -4.89 31.59 18.20
CA GLY B 243 -5.69 30.41 18.00
C GLY B 243 -7.14 30.82 18.03
N ALA B 244 -7.38 32.03 18.55
CA ALA B 244 -8.70 32.64 18.49
C ALA B 244 -8.68 34.14 18.22
N LEU B 245 -7.56 34.83 18.43
CA LEU B 245 -7.50 36.27 18.19
C LEU B 245 -6.34 36.64 17.27
N VAL B 246 -6.05 35.76 16.31
CA VAL B 246 -5.19 36.09 15.18
C VAL B 246 -5.97 36.85 14.11
N ALA B 247 -7.29 36.93 14.25
CA ALA B 247 -8.21 37.27 13.18
C ALA B 247 -9.19 38.32 13.69
N GLY B 248 -10.33 38.44 13.02
CA GLY B 248 -11.28 39.48 13.36
C GLY B 248 -12.08 40.05 12.20
N ALA B 249 -11.73 39.67 10.98
CA ALA B 249 -12.52 40.02 9.81
C ALA B 249 -13.18 38.76 9.24
N LYS B 250 -13.83 38.91 8.08
CA LYS B 250 -14.53 37.79 7.48
C LYS B 250 -13.65 37.02 6.51
N TYR B 251 -12.90 37.73 5.68
CA TYR B 251 -12.17 37.17 4.54
C TYR B 251 -10.69 37.07 4.86
N ARG B 252 -9.93 36.63 3.86
CA ARG B 252 -8.53 36.26 4.06
C ARG B 252 -7.67 37.49 4.26
N GLY B 253 -6.53 37.29 4.91
CA GLY B 253 -5.64 38.38 5.28
C GLY B 253 -5.41 38.37 6.76
N GLU B 254 -6.02 37.41 7.44
CA GLU B 254 -5.98 37.28 8.89
C GLU B 254 -4.85 36.40 9.38
N PHE B 255 -3.74 36.36 8.64
CA PHE B 255 -2.59 35.58 9.09
C PHE B 255 -1.90 36.26 10.26
N GLU B 256 -1.67 37.57 10.17
CA GLU B 256 -1.09 38.33 11.26
C GLU B 256 -1.79 39.68 11.41
N GLU B 257 -3.12 39.68 11.43
CA GLU B 257 -3.87 40.93 11.38
C GLU B 257 -3.84 41.69 12.70
N ARG B 258 -4.31 41.06 13.78
CA ARG B 258 -4.35 41.72 15.08
C ARG B 258 -3.19 41.26 15.98
N LEU B 259 -2.00 41.13 15.39
CA LEU B 259 -0.81 40.80 16.17
C LEU B 259 -0.22 42.05 16.82
N LYS B 260 -0.35 43.20 16.15
CA LYS B 260 0.23 44.44 16.66
C LYS B 260 -0.50 44.98 17.88
N GLY B 261 -1.76 44.61 18.07
CA GLY B 261 -2.46 45.04 19.27
C GLY B 261 -1.97 44.35 20.53
N VAL B 262 -1.40 43.16 20.39
CA VAL B 262 -0.96 42.38 21.54
C VAL B 262 0.55 42.13 21.56
N LEU B 263 1.33 42.75 20.67
CA LEU B 263 2.79 42.68 20.74
C LEU B 263 3.43 43.95 21.29
N ASN B 264 2.69 45.05 21.33
CA ASN B 264 3.24 46.31 21.83
C ASN B 264 3.40 46.32 23.34
N ASP B 265 2.57 45.56 24.06
CA ASP B 265 2.65 45.51 25.51
C ASP B 265 3.89 44.77 25.99
N LEU B 266 4.37 43.84 25.17
CA LEU B 266 5.51 43.00 25.53
C LEU B 266 6.83 43.76 25.55
N ALA B 267 6.93 44.88 24.83
CA ALA B 267 8.12 45.72 24.92
C ALA B 267 8.19 46.42 26.26
N LYS B 268 7.03 46.75 26.84
CA LYS B 268 6.98 47.50 28.09
C LYS B 268 7.26 46.65 29.32
N GLN B 269 7.32 45.32 29.18
CA GLN B 269 7.39 44.47 30.37
C GLN B 269 8.78 44.48 30.99
N GLU B 270 9.80 44.94 30.25
CA GLU B 270 11.18 45.17 30.73
C GLU B 270 11.82 43.88 31.26
N GLY B 271 11.95 42.92 30.35
CA GLY B 271 12.71 41.71 30.65
C GLY B 271 12.06 40.79 31.66
N ASN B 272 10.74 40.77 31.73
CA ASN B 272 10.02 39.83 32.58
C ASN B 272 9.20 38.84 31.80
N VAL B 273 8.58 39.25 30.71
CA VAL B 273 7.61 38.42 30.01
C VAL B 273 8.35 37.36 29.20
N ILE B 274 7.74 36.19 29.10
CA ILE B 274 8.19 35.14 28.19
C ILE B 274 6.95 34.62 27.47
N LEU B 275 6.92 34.74 26.15
CA LEU B 275 5.76 34.31 25.39
C LEU B 275 5.92 32.84 25.01
N PHE B 276 4.78 32.15 24.92
CA PHE B 276 4.75 30.71 24.75
C PHE B 276 5.16 30.34 23.30
N ILE B 277 5.15 29.03 23.02
CA ILE B 277 5.42 28.45 21.71
C ILE B 277 4.46 29.02 20.68
N ASP B 278 3.17 28.71 20.89
CA ASP B 278 2.06 28.99 19.97
C ASP B 278 2.35 28.49 18.56
N GLU B 279 3.05 27.35 18.46
CA GLU B 279 3.37 26.65 17.22
C GLU B 279 4.12 27.58 16.25
N LEU B 280 5.35 27.92 16.62
CA LEU B 280 6.02 29.04 15.98
C LEU B 280 6.45 28.78 14.53
N HIS B 281 6.30 27.56 14.02
CA HIS B 281 6.35 27.40 12.57
C HIS B 281 5.06 27.86 11.89
N THR B 282 4.00 28.12 12.64
CA THR B 282 2.84 28.79 12.08
C THR B 282 2.91 30.30 12.27
N MET B 283 3.97 30.79 12.89
CA MET B 283 4.20 32.23 13.02
C MET B 283 5.68 32.53 13.14
N ALA B 295 5.70 32.11 6.60
CA ALA B 295 4.81 32.38 7.73
C ALA B 295 5.41 33.43 8.65
N GLY B 296 4.61 33.92 9.60
CA GLY B 296 5.04 34.91 10.55
C GLY B 296 5.29 36.26 9.92
N ASN B 297 4.23 36.91 9.43
CA ASN B 297 4.39 38.19 8.75
C ASN B 297 4.81 39.29 9.72
N MET B 298 4.36 39.20 10.97
CA MET B 298 4.64 40.21 11.98
C MET B 298 5.73 39.77 12.96
N LEU B 299 6.06 38.48 13.00
CA LEU B 299 6.99 37.96 14.02
C LEU B 299 8.40 38.50 13.85
N LYS B 300 8.96 38.39 12.65
CA LYS B 300 10.26 38.99 12.40
C LYS B 300 10.27 40.53 12.41
N PRO B 301 9.19 41.25 12.08
CA PRO B 301 9.11 42.64 12.55
C PRO B 301 9.17 42.77 14.06
N ALA B 302 8.54 41.85 14.78
CA ALA B 302 8.51 41.95 16.23
C ALA B 302 9.81 41.47 16.86
N LEU B 303 10.54 40.56 16.20
CA LEU B 303 11.68 39.93 16.84
C LEU B 303 13.00 40.61 16.51
N ALA B 304 13.02 41.51 15.52
CA ALA B 304 14.26 42.07 14.99
C ALA B 304 15.00 42.95 16.01
N ARG B 305 14.29 43.46 17.02
CA ARG B 305 14.95 44.22 18.07
C ARG B 305 15.53 43.31 19.15
N GLY B 306 14.98 42.11 19.33
CA GLY B 306 15.42 41.20 20.34
C GLY B 306 14.79 41.37 21.71
N GLU B 307 14.06 42.46 21.93
CA GLU B 307 13.39 42.70 23.21
C GLU B 307 12.23 41.74 23.42
N LEU B 308 11.63 41.25 22.33
CA LEU B 308 10.60 40.22 22.37
C LEU B 308 11.21 38.94 22.94
N HIS B 309 10.82 38.60 24.15
CA HIS B 309 11.42 37.52 24.92
C HIS B 309 10.44 36.35 24.93
N CYS B 310 10.85 35.21 24.38
CA CYS B 310 9.92 34.12 24.08
C CYS B 310 10.56 32.77 24.35
N VAL B 311 9.73 31.72 24.24
CA VAL B 311 10.14 30.35 24.03
C VAL B 311 9.38 29.82 22.82
N GLY B 312 10.06 29.04 21.98
CA GLY B 312 9.41 28.35 20.89
C GLY B 312 9.73 26.87 20.93
N ALA B 313 9.05 26.11 20.07
CA ALA B 313 9.24 24.68 19.95
C ALA B 313 8.64 24.21 18.63
N THR B 314 9.42 23.47 17.86
CA THR B 314 8.94 22.97 16.58
C THR B 314 9.68 21.68 16.25
N THR B 315 8.96 20.75 15.63
CA THR B 315 9.52 19.46 15.28
C THR B 315 10.56 19.61 14.17
N LEU B 316 11.37 18.56 13.98
CA LEU B 316 12.53 18.68 13.09
C LEU B 316 12.09 18.74 11.62
N ASP B 317 10.93 18.17 11.28
CA ASP B 317 10.40 18.38 9.95
C ASP B 317 9.90 19.80 9.77
N GLU B 318 9.46 20.45 10.86
CA GLU B 318 9.00 21.82 10.81
C GLU B 318 10.02 22.79 11.40
N TYR B 319 11.26 22.35 11.57
CA TYR B 319 12.38 23.23 11.88
C TYR B 319 13.40 23.30 10.76
N ARG B 320 13.66 22.18 10.09
CA ARG B 320 14.61 22.12 8.98
C ARG B 320 13.99 22.55 7.65
N GLN B 321 12.79 22.06 7.35
CA GLN B 321 12.11 22.44 6.12
C GLN B 321 11.58 23.87 6.19
N TYR B 322 11.34 24.37 7.41
CA TYR B 322 10.67 25.65 7.59
C TYR B 322 11.50 26.84 7.12
N ILE B 323 12.72 27.00 7.63
CA ILE B 323 13.47 28.22 7.36
C ILE B 323 14.86 27.84 6.86
N GLU B 324 15.51 28.76 6.14
CA GLU B 324 16.78 28.47 5.50
C GLU B 324 17.94 29.33 6.00
N LYS B 325 17.87 30.65 5.86
CA LYS B 325 18.93 31.55 6.33
C LYS B 325 18.34 32.84 6.88
N ASP B 326 17.29 32.74 7.69
CA ASP B 326 16.71 33.94 8.28
C ASP B 326 17.55 34.39 9.47
N ALA B 327 18.23 35.52 9.29
CA ALA B 327 18.92 36.20 10.37
C ALA B 327 18.00 37.14 11.14
N ALA B 328 16.71 37.06 10.87
CA ALA B 328 15.69 37.55 11.79
C ALA B 328 15.13 36.43 12.64
N LEU B 329 15.53 35.19 12.38
CA LEU B 329 15.13 34.04 13.20
C LEU B 329 16.31 33.34 13.85
N GLU B 330 17.29 32.86 13.07
CA GLU B 330 18.41 32.11 13.61
C GLU B 330 19.34 33.00 14.44
N ARG B 331 19.21 34.31 14.30
CA ARG B 331 19.81 35.26 15.22
C ARG B 331 19.26 35.12 16.63
N ARG B 332 18.04 34.60 16.79
CA ARG B 332 17.43 34.46 18.10
C ARG B 332 17.30 33.02 18.58
N PHE B 333 17.45 32.03 17.70
CA PHE B 333 17.10 30.66 18.02
C PHE B 333 18.34 29.82 18.28
N GLN B 334 18.20 28.91 19.24
CA GLN B 334 19.27 27.99 19.62
C GLN B 334 18.81 26.56 19.38
N LYS B 335 19.69 25.76 18.79
CA LYS B 335 19.36 24.43 18.29
C LYS B 335 19.23 23.47 19.46
N VAL B 336 18.06 23.49 20.10
CA VAL B 336 17.75 22.52 21.17
C VAL B 336 17.10 21.32 20.48
N PHE B 337 17.94 20.43 19.96
CA PHE B 337 17.45 19.20 19.37
C PHE B 337 17.07 18.27 20.51
N VAL B 338 15.79 18.36 20.93
CA VAL B 338 15.31 17.53 22.01
C VAL B 338 15.13 16.10 21.51
N ALA B 339 15.40 15.13 22.39
CA ALA B 339 15.42 13.74 21.99
C ALA B 339 14.45 12.95 22.85
N GLU B 340 14.10 11.77 22.35
CA GLU B 340 13.23 10.87 23.09
C GLU B 340 14.00 10.25 24.25
N PRO B 341 13.37 10.13 25.42
CA PRO B 341 13.94 9.31 26.48
C PRO B 341 14.09 7.83 26.13
N SER B 342 14.81 7.10 26.97
CA SER B 342 15.06 5.69 26.74
C SER B 342 13.87 4.86 27.18
N VAL B 343 14.07 3.55 27.29
CA VAL B 343 13.03 2.65 27.75
C VAL B 343 12.73 2.89 29.23
N GLU B 344 13.77 3.00 30.05
CA GLU B 344 13.61 3.09 31.49
C GLU B 344 13.03 4.43 31.91
N ASP B 345 13.36 5.51 31.19
CA ASP B 345 13.05 6.86 31.64
C ASP B 345 11.55 7.14 31.62
N THR B 346 10.86 6.69 30.57
CA THR B 346 9.44 6.97 30.46
C THR B 346 8.60 6.17 31.46
N ILE B 347 9.18 5.12 32.05
CA ILE B 347 8.52 4.43 33.15
C ILE B 347 8.48 5.33 34.38
N ALA B 348 9.56 6.10 34.60
CA ALA B 348 9.61 7.01 35.73
C ALA B 348 8.62 8.16 35.57
N ILE B 349 8.28 8.50 34.32
CA ILE B 349 7.33 9.58 34.07
C ILE B 349 5.93 9.17 34.50
N LEU B 350 5.58 7.90 34.32
CA LEU B 350 4.23 7.46 34.60
C LEU B 350 3.97 7.25 36.08
N ARG B 351 5.01 7.29 36.91
CA ARG B 351 4.82 7.15 38.35
C ARG B 351 4.26 8.42 38.96
N GLY B 352 4.75 9.57 38.53
CA GLY B 352 4.17 10.84 38.90
C GLY B 352 3.10 11.30 37.93
N LEU B 353 2.67 10.45 37.01
CA LEU B 353 1.55 10.76 36.14
C LEU B 353 0.32 9.92 36.45
N LYS B 354 0.49 8.83 37.18
CA LYS B 354 -0.65 8.05 37.67
C LYS B 354 -1.39 8.72 38.82
N GLU B 355 -0.90 9.85 39.32
CA GLU B 355 -1.64 10.64 40.28
C GLU B 355 -2.67 11.55 39.64
N ARG B 356 -2.59 11.75 38.32
CA ARG B 356 -3.64 12.47 37.62
C ARG B 356 -4.67 11.54 37.01
N TYR B 357 -4.42 10.24 37.02
CA TYR B 357 -5.37 9.27 36.49
C TYR B 357 -6.03 8.46 37.60
N GLU B 358 -5.69 8.72 38.86
CA GLU B 358 -6.43 8.17 39.99
C GLU B 358 -7.69 8.97 40.29
N LEU B 359 -7.74 10.23 39.83
CA LEU B 359 -8.91 11.06 40.07
C LEU B 359 -9.85 11.13 38.86
N HIS B 360 -9.30 11.10 37.65
CA HIS B 360 -10.11 11.32 36.47
C HIS B 360 -10.91 10.09 36.06
N HIS B 361 -10.23 8.97 35.86
CA HIS B 361 -10.88 7.70 35.56
C HIS B 361 -11.33 6.98 36.81
N HIS B 362 -10.87 7.45 37.98
CA HIS B 362 -11.16 6.87 39.30
C HIS B 362 -10.75 5.40 39.37
N VAL B 363 -9.51 5.14 38.99
CA VAL B 363 -8.99 3.78 38.93
C VAL B 363 -7.79 3.64 39.86
N GLN B 364 -7.25 2.42 39.94
CA GLN B 364 -6.01 2.14 40.64
C GLN B 364 -4.99 1.63 39.65
N ILE B 365 -3.80 2.22 39.66
CA ILE B 365 -2.74 1.89 38.72
C ILE B 365 -1.55 1.33 39.50
N THR B 366 -1.00 0.22 39.01
CA THR B 366 0.04 -0.52 39.72
C THR B 366 1.37 -0.39 39.01
N ASP B 367 2.43 -0.84 39.70
CA ASP B 367 3.79 -0.64 39.20
C ASP B 367 4.19 -1.56 38.05
N PRO B 368 3.88 -2.87 38.00
CA PRO B 368 4.18 -3.62 36.77
C PRO B 368 3.20 -3.34 35.64
N ALA B 369 2.11 -2.62 35.90
CA ALA B 369 1.21 -2.21 34.84
C ALA B 369 1.80 -1.13 33.94
N ILE B 370 2.66 -0.27 34.49
CA ILE B 370 3.21 0.84 33.71
C ILE B 370 4.48 0.46 32.97
N VAL B 371 5.06 -0.72 33.25
CA VAL B 371 6.23 -1.12 32.49
C VAL B 371 5.83 -1.72 31.14
N ALA B 372 4.60 -2.21 31.01
CA ALA B 372 4.18 -2.83 29.75
C ALA B 372 3.94 -1.78 28.68
N ALA B 373 3.64 -0.55 29.07
CA ALA B 373 3.45 0.53 28.10
C ALA B 373 4.75 0.94 27.45
N ALA B 374 5.88 0.80 28.13
CA ALA B 374 7.16 1.29 27.65
C ALA B 374 7.98 0.22 26.94
N THR B 375 8.31 -0.88 27.64
CA THR B 375 9.31 -1.80 27.12
C THR B 375 8.75 -2.78 26.10
N LEU B 376 7.45 -3.05 26.11
CA LEU B 376 6.89 -3.99 25.16
C LEU B 376 6.48 -3.31 23.86
N SER B 377 6.01 -2.06 23.96
CA SER B 377 5.75 -1.26 22.77
C SER B 377 7.02 -0.68 22.17
N HIS B 378 8.18 -0.92 22.79
CA HIS B 378 9.43 -0.36 22.29
C HIS B 378 9.89 -1.06 21.03
N ARG B 379 9.54 -2.33 20.86
CA ARG B 379 10.01 -3.13 19.73
C ARG B 379 9.01 -3.14 18.58
N TYR B 380 7.73 -2.92 18.85
CA TYR B 380 6.69 -3.00 17.84
C TYR B 380 6.07 -1.68 17.46
N ILE B 381 6.13 -0.67 18.32
CA ILE B 381 5.44 0.61 18.11
C ILE B 381 6.48 1.71 18.06
N ALA B 382 6.51 2.45 16.96
CA ALA B 382 7.47 3.53 16.76
C ALA B 382 6.83 4.84 16.31
N ASP B 383 5.53 4.85 16.01
CA ASP B 383 4.88 6.05 15.49
C ASP B 383 4.71 7.13 16.54
N ARG B 384 4.87 6.80 17.81
CA ARG B 384 4.89 7.78 18.89
C ARG B 384 6.13 7.56 19.74
N GLN B 385 6.79 8.65 20.12
CA GLN B 385 8.05 8.55 20.84
C GLN B 385 7.82 8.10 22.28
N LEU B 386 8.91 7.85 22.98
CA LEU B 386 8.92 6.99 24.16
C LEU B 386 8.11 7.53 25.35
N PRO B 387 8.18 8.83 25.75
CA PRO B 387 7.15 9.32 26.66
C PRO B 387 5.98 9.96 25.91
N ASP B 388 5.54 9.34 24.83
CA ASP B 388 4.22 9.62 24.26
C ASP B 388 3.40 8.35 24.14
N LYS B 389 3.98 7.30 23.57
CA LYS B 389 3.27 6.03 23.40
C LYS B 389 3.08 5.30 24.72
N ALA B 390 3.91 5.55 25.71
CA ALA B 390 3.77 4.90 27.01
C ALA B 390 2.78 5.61 27.92
N ILE B 391 2.31 6.80 27.55
CA ILE B 391 1.35 7.52 28.36
C ILE B 391 -0.08 7.22 27.92
N ASP B 392 -0.33 7.22 26.62
CA ASP B 392 -1.69 6.98 26.14
C ASP B 392 -2.02 5.50 26.18
N LEU B 393 -1.02 4.62 26.14
CA LEU B 393 -1.27 3.20 26.35
C LEU B 393 -1.74 2.93 27.78
N ILE B 394 -1.22 3.71 28.74
CA ILE B 394 -1.72 3.66 30.10
C ILE B 394 -3.15 4.17 30.16
N ASP B 395 -3.39 5.35 29.59
CA ASP B 395 -4.68 5.99 29.78
C ASP B 395 -5.76 5.43 28.88
N GLU B 396 -5.40 4.56 27.92
CA GLU B 396 -6.44 3.88 27.15
C GLU B 396 -7.05 2.73 27.93
N ALA B 397 -6.23 1.97 28.66
CA ALA B 397 -6.77 0.94 29.54
C ALA B 397 -7.56 1.57 30.67
N ALA B 398 -7.06 2.69 31.21
CA ALA B 398 -7.81 3.48 32.18
C ALA B 398 -9.06 4.12 31.58
N SER B 399 -9.15 4.21 30.26
CA SER B 399 -10.40 4.54 29.59
C SER B 399 -11.11 3.31 29.05
N SER B 400 -10.54 2.12 29.24
CA SER B 400 -11.27 0.88 29.02
C SER B 400 -11.84 0.30 30.31
N ILE B 401 -11.61 0.96 31.45
CA ILE B 401 -12.08 0.45 32.73
C ILE B 401 -13.60 0.62 32.85
N ARG B 402 -14.07 1.86 32.67
CA ARG B 402 -15.52 2.07 32.74
C ARG B 402 -16.21 1.60 31.47
N MET B 403 -15.45 1.31 30.40
CA MET B 403 -16.00 0.56 29.28
C MET B 403 -16.18 -0.91 29.63
N GLN B 404 -15.36 -1.41 30.58
CA GLN B 404 -15.51 -2.79 31.03
C GLN B 404 -16.46 -2.89 32.22
N ILE B 405 -16.40 -1.93 33.14
CA ILE B 405 -17.28 -1.94 34.30
C ILE B 405 -18.72 -1.65 33.87
N ASP B 406 -18.90 -0.61 33.07
CA ASP B 406 -20.23 -0.10 32.74
C ASP B 406 -20.60 -0.34 31.28
N SER B 407 -20.36 -1.56 30.79
CA SER B 407 -20.95 -2.01 29.55
C SER B 407 -22.35 -2.53 29.85
N LYS B 408 -23.37 -1.87 29.30
CA LYS B 408 -24.75 -2.27 29.51
C LYS B 408 -25.17 -3.33 28.50
N ARG B 525 -19.90 -7.17 39.65
CA ARG B 525 -19.64 -8.38 38.87
C ARG B 525 -18.41 -8.27 37.98
N LEU B 526 -18.19 -7.09 37.42
CA LEU B 526 -17.04 -6.84 36.54
C LEU B 526 -16.38 -5.51 36.87
N LEU B 527 -16.32 -5.19 38.15
CA LEU B 527 -15.72 -3.95 38.61
C LEU B 527 -14.23 -4.22 38.83
N ARG B 528 -13.40 -3.72 37.93
CA ARG B 528 -11.95 -3.83 38.04
C ARG B 528 -11.36 -2.46 37.75
N ASN B 529 -11.11 -1.68 38.81
CA ASN B 529 -10.39 -0.42 38.66
C ASN B 529 -8.89 -0.61 38.82
N LYS B 530 -8.44 -1.70 39.43
CA LYS B 530 -7.02 -2.03 39.43
C LYS B 530 -6.61 -2.48 38.03
N VAL B 531 -5.80 -1.68 37.36
CA VAL B 531 -5.33 -2.07 36.04
C VAL B 531 -4.08 -2.94 36.18
N THR B 532 -3.82 -3.71 35.15
CA THR B 532 -2.69 -4.64 35.11
C THR B 532 -1.88 -4.39 33.86
N ASP B 533 -0.82 -5.19 33.70
CA ASP B 533 -0.11 -5.23 32.44
C ASP B 533 -0.92 -5.93 31.35
N ALA B 534 -1.89 -6.76 31.73
CA ALA B 534 -2.73 -7.43 30.76
C ALA B 534 -3.69 -6.46 30.08
N GLU B 535 -4.13 -5.43 30.79
CA GLU B 535 -4.94 -4.38 30.16
C GLU B 535 -4.11 -3.58 29.17
N ILE B 536 -2.82 -3.40 29.46
CA ILE B 536 -1.93 -2.67 28.56
C ILE B 536 -1.60 -3.54 27.35
N ALA B 537 -1.30 -4.81 27.60
CA ALA B 537 -0.99 -5.74 26.51
C ALA B 537 -2.22 -6.16 25.72
N GLU B 538 -3.42 -5.90 26.25
CA GLU B 538 -4.62 -6.00 25.43
C GLU B 538 -4.64 -4.91 24.37
N VAL B 539 -4.63 -3.64 24.79
CA VAL B 539 -4.78 -2.52 23.87
C VAL B 539 -3.53 -2.31 23.03
N LEU B 540 -2.40 -2.88 23.43
CA LEU B 540 -1.23 -2.87 22.54
C LEU B 540 -1.40 -3.87 21.40
N ALA B 541 -2.09 -4.99 21.65
CA ALA B 541 -2.31 -5.97 20.60
C ALA B 541 -3.34 -5.49 19.59
N ARG B 542 -4.31 -4.68 20.03
CA ARG B 542 -5.30 -4.12 19.12
C ARG B 542 -4.78 -2.92 18.34
N TRP B 543 -3.57 -2.45 18.63
CA TRP B 543 -3.01 -1.27 18.00
C TRP B 543 -1.93 -1.59 16.98
N THR B 544 -1.04 -2.54 17.29
CA THR B 544 0.06 -2.84 16.39
C THR B 544 -0.42 -3.65 15.19
N GLY B 545 -1.29 -4.62 15.42
CA GLY B 545 -1.76 -5.50 14.37
C GLY B 545 -1.48 -6.95 14.72
N ILE B 546 -0.37 -7.18 15.39
CA ILE B 546 0.04 -8.51 15.83
C ILE B 546 -0.76 -8.82 17.10
N PRO B 547 -1.26 -10.05 17.26
CA PRO B 547 -2.00 -10.37 18.49
C PRO B 547 -1.13 -10.58 19.71
N VAL B 548 -1.76 -11.06 20.78
CA VAL B 548 -1.08 -11.45 22.01
C VAL B 548 -0.17 -12.65 21.83
N SER B 549 -0.41 -13.44 20.78
CA SER B 549 0.19 -14.77 20.62
C SER B 549 1.70 -14.74 20.39
N ARG B 550 2.24 -13.65 19.85
CA ARG B 550 3.68 -13.48 19.70
C ARG B 550 4.16 -12.25 20.46
N MET B 551 3.36 -11.80 21.43
CA MET B 551 3.67 -10.60 22.20
C MET B 551 3.88 -10.90 23.68
N MET B 552 2.94 -11.60 24.33
CA MET B 552 2.96 -11.76 25.79
C MET B 552 3.71 -13.03 26.16
N GLU B 553 5.04 -12.93 26.04
CA GLU B 553 5.98 -13.98 26.40
C GLU B 553 7.36 -13.33 26.46
N SER B 554 8.25 -13.94 27.24
CA SER B 554 9.65 -13.59 27.11
C SER B 554 10.22 -14.26 25.87
N GLU B 555 11.37 -13.76 25.40
CA GLU B 555 12.00 -14.36 24.23
C GLU B 555 12.46 -15.79 24.50
N ARG B 556 12.74 -16.12 25.77
CA ARG B 556 12.99 -17.51 26.13
C ARG B 556 11.70 -18.33 26.12
N GLU B 557 10.56 -17.67 26.29
CA GLU B 557 9.30 -18.42 26.38
C GLU B 557 8.75 -18.78 25.00
N LYS B 558 9.04 -17.98 23.98
CA LYS B 558 8.78 -18.42 22.60
C LYS B 558 9.91 -19.26 22.04
N LEU B 559 11.07 -19.26 22.69
CA LEU B 559 12.21 -20.10 22.35
C LEU B 559 11.92 -21.57 22.56
N LEU B 560 10.95 -21.90 23.41
CA LEU B 560 10.57 -23.29 23.64
C LEU B 560 9.89 -23.88 22.42
N ARG B 561 8.98 -23.12 21.81
CA ARG B 561 8.33 -23.50 20.56
C ARG B 561 8.96 -22.80 19.36
N MET B 562 10.21 -22.33 19.49
CA MET B 562 10.93 -21.75 18.36
C MET B 562 11.19 -22.80 17.30
N GLU B 563 11.67 -23.97 17.69
CA GLU B 563 11.81 -25.08 16.76
C GLU B 563 10.46 -25.59 16.29
N GLN B 564 9.45 -25.53 17.17
CA GLN B 564 8.11 -25.93 16.77
C GLN B 564 7.48 -24.93 15.81
N GLU B 565 7.88 -23.66 15.89
CA GLU B 565 7.52 -22.69 14.88
C GLU B 565 8.50 -22.65 13.71
N LEU B 566 9.74 -23.14 13.91
CA LEU B 566 10.61 -23.45 12.78
C LEU B 566 10.00 -24.55 11.94
N HIS B 567 9.69 -25.68 12.57
CA HIS B 567 9.20 -26.88 11.90
C HIS B 567 7.69 -26.86 11.68
N HIS B 568 7.05 -25.69 11.69
CA HIS B 568 5.75 -25.54 11.06
C HIS B 568 5.88 -25.50 9.54
N ARG B 569 7.06 -25.11 9.04
CA ARG B 569 7.31 -25.04 7.60
C ARG B 569 8.68 -25.58 7.20
N VAL B 570 9.47 -26.07 8.14
CA VAL B 570 10.77 -26.67 7.86
C VAL B 570 10.59 -28.18 7.78
N ILE B 571 11.21 -28.81 6.78
CA ILE B 571 11.05 -30.23 6.49
C ILE B 571 11.54 -31.13 7.63
N GLY B 572 12.42 -30.63 8.49
CA GLY B 572 12.67 -31.34 9.74
C GLY B 572 14.10 -31.72 10.03
N GLN B 573 14.30 -33.02 10.27
CA GLN B 573 15.55 -33.62 10.78
C GLN B 573 15.97 -32.95 12.08
N ASN B 574 15.04 -32.95 13.04
CA ASN B 574 15.25 -32.19 14.28
C ASN B 574 16.23 -32.85 15.24
N GLU B 575 16.72 -34.06 14.92
CA GLU B 575 17.77 -34.67 15.71
C GLU B 575 19.15 -34.13 15.37
N ALA B 576 19.28 -33.44 14.22
CA ALA B 576 20.58 -33.03 13.70
C ALA B 576 20.71 -31.52 13.57
N VAL B 577 19.71 -30.85 13.01
CA VAL B 577 19.91 -29.53 12.41
C VAL B 577 19.62 -28.44 13.45
N ASP B 578 19.54 -28.84 14.72
CA ASP B 578 19.39 -27.88 15.81
C ASP B 578 20.71 -27.20 16.21
N ALA B 579 21.79 -27.44 15.47
CA ALA B 579 23.02 -26.70 15.72
C ALA B 579 22.90 -25.24 15.30
N VAL B 580 22.40 -24.99 14.09
CA VAL B 580 22.20 -23.63 13.60
C VAL B 580 21.02 -22.97 14.32
N SER B 581 20.12 -23.78 14.89
CA SER B 581 19.12 -23.25 15.81
C SER B 581 19.76 -22.70 17.08
N ASN B 582 20.86 -23.30 17.53
CA ASN B 582 21.50 -22.83 18.75
C ASN B 582 22.34 -21.57 18.52
N ALA B 583 22.73 -21.31 17.27
CA ALA B 583 23.59 -20.18 16.98
C ALA B 583 22.87 -18.85 17.15
N ILE B 584 21.61 -18.76 16.71
CA ILE B 584 20.81 -17.58 17.00
C ILE B 584 20.32 -17.61 18.45
N ARG B 585 20.28 -18.80 19.05
CA ARG B 585 20.03 -18.91 20.49
C ARG B 585 21.24 -18.44 21.28
N ARG B 586 22.44 -18.56 20.69
CA ARG B 586 23.67 -17.99 21.25
C ARG B 586 23.78 -16.50 21.01
N SER B 587 22.81 -15.89 20.33
CA SER B 587 22.90 -14.49 19.95
C SER B 587 22.22 -13.55 20.92
N ARG B 588 21.72 -14.05 22.05
CA ARG B 588 21.12 -13.18 23.05
C ARG B 588 22.06 -12.83 24.18
N ALA B 589 22.98 -13.74 24.54
CA ALA B 589 23.91 -13.46 25.62
C ALA B 589 24.99 -12.45 25.21
N GLY B 590 25.57 -12.62 24.02
CA GLY B 590 26.43 -11.59 23.46
C GLY B 590 27.90 -11.92 23.37
N LEU B 591 28.23 -13.21 23.35
CA LEU B 591 29.62 -13.65 23.28
C LEU B 591 30.13 -13.72 21.84
N ALA B 592 29.43 -13.10 20.90
CA ALA B 592 29.90 -13.00 19.53
C ALA B 592 30.78 -11.75 19.40
N ASP B 593 31.26 -11.50 18.19
CA ASP B 593 32.06 -10.29 18.04
C ASP B 593 31.16 -9.06 17.94
N PRO B 594 31.43 -8.04 18.76
CA PRO B 594 30.62 -6.81 18.69
C PRO B 594 30.91 -5.96 17.48
N ASN B 595 32.05 -6.18 16.82
CA ASN B 595 32.38 -5.56 15.54
C ASN B 595 32.01 -6.45 14.37
N ARG B 596 30.90 -7.17 14.49
CA ARG B 596 30.48 -8.15 13.50
C ARG B 596 28.97 -8.18 13.52
N PRO B 597 28.34 -8.70 12.46
CA PRO B 597 26.92 -9.01 12.50
C PRO B 597 26.57 -10.09 13.53
N ILE B 598 25.27 -10.43 13.53
CA ILE B 598 24.81 -11.46 14.46
C ILE B 598 25.29 -12.84 14.01
N GLY B 599 25.32 -13.11 12.70
CA GLY B 599 25.62 -14.44 12.21
C GLY B 599 26.61 -14.43 11.07
N SER B 600 27.30 -15.57 10.92
CA SER B 600 28.33 -15.75 9.88
C SER B 600 28.46 -17.23 9.61
N PHE B 601 27.93 -17.69 8.47
CA PHE B 601 27.80 -19.14 8.26
C PHE B 601 28.18 -19.60 6.86
N LEU B 602 27.86 -20.86 6.56
CA LEU B 602 27.78 -21.40 5.21
C LEU B 602 26.60 -22.35 5.16
N PHE B 603 25.85 -22.29 4.06
CA PHE B 603 24.62 -23.06 3.90
C PHE B 603 24.78 -23.94 2.68
N LEU B 604 25.49 -25.05 2.85
CA LEU B 604 25.91 -25.90 1.74
C LEU B 604 25.06 -27.16 1.67
N GLY B 605 24.77 -27.57 0.45
CA GLY B 605 23.94 -28.73 0.19
C GLY B 605 23.45 -28.73 -1.25
N PRO B 606 22.37 -29.44 -1.51
CA PRO B 606 21.83 -29.46 -2.88
C PRO B 606 20.91 -28.28 -3.13
N THR B 607 20.26 -28.27 -4.29
CA THR B 607 19.20 -27.32 -4.59
C THR B 607 17.86 -28.05 -4.58
N GLY B 608 16.80 -27.31 -4.28
CA GLY B 608 15.51 -27.94 -4.10
C GLY B 608 15.35 -28.64 -2.78
N VAL B 609 15.98 -28.13 -1.73
CA VAL B 609 16.13 -28.83 -0.46
C VAL B 609 15.76 -27.96 0.74
N GLY B 610 15.68 -26.65 0.57
CA GLY B 610 15.69 -25.72 1.68
C GLY B 610 16.54 -24.51 1.41
N LYS B 611 17.01 -24.40 0.15
CA LYS B 611 17.68 -23.18 -0.31
C LYS B 611 16.76 -21.96 -0.19
N THR B 612 15.46 -22.15 -0.39
CA THR B 612 14.47 -21.12 -0.21
C THR B 612 13.69 -21.25 1.08
N GLU B 613 13.56 -22.47 1.61
CA GLU B 613 12.69 -22.81 2.73
C GLU B 613 13.31 -22.47 4.08
N LEU B 614 14.58 -22.79 4.28
CA LEU B 614 15.21 -22.59 5.58
C LEU B 614 15.56 -21.14 5.84
N CYS B 615 15.75 -20.35 4.78
CA CYS B 615 16.25 -18.99 4.94
C CYS B 615 15.16 -18.03 5.38
N LYS B 616 13.96 -18.19 4.84
CA LYS B 616 12.82 -17.37 5.23
C LYS B 616 12.37 -17.68 6.66
N ALA B 617 12.50 -18.94 7.09
CA ALA B 617 12.05 -19.33 8.42
C ALA B 617 13.00 -18.84 9.51
N LEU B 618 14.23 -18.48 9.15
CA LEU B 618 15.08 -17.78 10.11
C LEU B 618 14.62 -16.33 10.27
N ALA B 619 14.05 -15.75 9.23
CA ALA B 619 13.53 -14.40 9.32
C ALA B 619 12.12 -14.36 9.90
N ASN B 620 11.40 -15.49 9.89
CA ASN B 620 10.02 -15.49 10.37
C ASN B 620 9.96 -15.37 11.88
N PHE B 621 11.01 -15.80 12.58
CA PHE B 621 10.96 -15.79 14.04
C PHE B 621 11.57 -14.53 14.62
N MET B 622 12.85 -14.26 14.34
CA MET B 622 13.50 -13.09 14.90
C MET B 622 13.10 -11.83 14.15
N PHE B 623 13.16 -11.86 12.81
CA PHE B 623 13.01 -10.67 12.00
C PHE B 623 11.57 -10.41 11.58
N ASP B 624 10.66 -11.33 11.90
CA ASP B 624 9.21 -11.10 11.96
C ASP B 624 8.64 -10.66 10.60
N SER B 625 9.15 -11.27 9.53
CA SER B 625 8.82 -10.78 8.20
C SER B 625 8.94 -11.90 7.20
N ASP B 626 8.21 -11.73 6.09
CA ASP B 626 8.36 -12.57 4.91
C ASP B 626 9.09 -11.85 3.78
N GLU B 627 9.38 -10.56 3.95
CA GLU B 627 10.12 -9.80 2.95
C GLU B 627 11.42 -9.27 3.57
N ALA B 628 12.16 -10.15 4.24
CA ALA B 628 13.52 -9.84 4.65
C ALA B 628 14.55 -10.48 3.72
N MET B 629 14.19 -10.71 2.47
CA MET B 629 14.94 -11.58 1.56
C MET B 629 15.70 -10.75 0.54
N VAL B 630 17.00 -10.98 0.47
CA VAL B 630 17.90 -10.25 -0.39
C VAL B 630 18.64 -11.22 -1.31
N ARG B 631 17.94 -12.26 -1.78
CA ARG B 631 18.45 -13.24 -2.74
C ARG B 631 19.13 -12.59 -3.93
N ILE B 632 20.43 -12.78 -4.04
CA ILE B 632 21.26 -12.19 -5.10
C ILE B 632 22.18 -13.27 -5.62
N ASP B 633 22.00 -13.65 -6.89
CA ASP B 633 22.87 -14.63 -7.50
C ASP B 633 24.13 -13.95 -8.00
N MET B 634 25.27 -14.45 -7.55
CA MET B 634 26.56 -13.82 -7.79
C MET B 634 27.21 -14.31 -9.07
N SER B 635 26.41 -14.68 -10.07
CA SER B 635 26.88 -14.92 -11.42
C SER B 635 27.04 -13.62 -12.21
N GLU B 636 26.76 -12.48 -11.57
CA GLU B 636 26.98 -11.15 -12.12
C GLU B 636 28.45 -10.77 -12.17
N PHE B 637 29.33 -11.54 -11.54
CA PHE B 637 30.76 -11.20 -11.48
C PHE B 637 31.52 -11.84 -12.63
N MET B 638 30.97 -11.66 -13.84
CA MET B 638 31.69 -12.05 -15.05
C MET B 638 32.67 -10.97 -15.48
N GLU B 639 32.54 -9.77 -14.95
CA GLU B 639 33.52 -8.71 -15.10
C GLU B 639 34.04 -8.31 -13.73
N LYS B 640 35.29 -7.83 -13.71
CA LYS B 640 35.87 -7.30 -12.48
C LYS B 640 35.43 -5.88 -12.21
N HIS B 641 34.74 -5.24 -13.16
CA HIS B 641 34.12 -3.95 -12.93
C HIS B 641 32.84 -4.06 -12.10
N SER B 642 32.31 -5.27 -11.93
CA SER B 642 31.07 -5.43 -11.17
C SER B 642 31.33 -5.64 -9.69
N VAL B 643 32.11 -4.75 -9.09
CA VAL B 643 32.13 -4.63 -7.64
C VAL B 643 31.22 -3.50 -7.22
N SER B 644 31.11 -2.48 -8.05
CA SER B 644 30.38 -1.26 -7.79
C SER B 644 28.92 -1.35 -8.20
N ARG B 645 28.41 -2.55 -8.44
CA ARG B 645 27.01 -2.69 -8.81
C ARG B 645 26.17 -3.28 -7.71
N LEU B 646 26.67 -4.30 -6.99
CA LEU B 646 25.98 -4.70 -5.78
C LEU B 646 26.27 -3.75 -4.63
N VAL B 647 27.34 -2.96 -4.73
CA VAL B 647 27.74 -2.08 -3.65
C VAL B 647 27.44 -0.64 -4.02
N GLY B 648 28.04 -0.15 -5.10
CA GLY B 648 27.78 1.22 -5.50
C GLY B 648 28.91 1.87 -6.28
N ALA B 649 28.54 2.58 -7.35
CA ALA B 649 29.49 3.28 -8.19
C ALA B 649 30.10 4.46 -7.44
N PRO B 650 31.26 4.95 -7.86
CA PRO B 650 31.78 6.18 -7.29
C PRO B 650 30.96 7.37 -7.73
N PRO B 651 31.04 8.48 -7.00
CA PRO B 651 30.41 9.72 -7.50
C PRO B 651 31.05 10.19 -8.79
N GLY B 652 30.22 10.38 -9.81
CA GLY B 652 30.69 10.74 -11.13
C GLY B 652 30.56 9.61 -12.14
N TYR B 653 30.68 8.38 -11.69
CA TYR B 653 30.55 7.22 -12.57
C TYR B 653 29.10 6.75 -12.56
N VAL B 654 28.72 6.04 -13.62
CA VAL B 654 27.33 5.64 -13.80
C VAL B 654 26.97 4.55 -12.81
N GLY B 655 25.81 4.71 -12.18
CA GLY B 655 25.39 3.82 -11.12
C GLY B 655 25.33 4.46 -9.76
N TYR B 656 25.12 5.77 -9.68
CA TYR B 656 25.04 6.49 -8.42
C TYR B 656 23.63 6.87 -8.05
N GLU B 657 22.77 7.15 -9.02
CA GLU B 657 21.41 7.58 -8.73
C GLU B 657 20.54 6.45 -8.17
N GLU B 658 20.96 5.19 -8.31
CA GLU B 658 20.21 4.06 -7.77
C GLU B 658 20.94 3.33 -6.65
N GLY B 659 22.24 3.53 -6.48
CA GLY B 659 22.95 2.89 -5.40
C GLY B 659 23.38 1.47 -5.73
N GLY B 660 23.48 0.62 -4.71
CA GLY B 660 23.87 -0.76 -4.88
C GLY B 660 22.72 -1.73 -4.66
N TYR B 661 23.09 -3.00 -4.57
CA TYR B 661 22.13 -4.08 -4.35
C TYR B 661 22.23 -4.66 -2.95
N LEU B 662 23.43 -5.04 -2.52
CA LEU B 662 23.66 -5.54 -1.18
C LEU B 662 23.84 -4.41 -0.18
N THR B 663 23.66 -3.16 -0.61
CA THR B 663 23.67 -2.01 0.28
C THR B 663 22.31 -1.32 0.38
N GLU B 664 21.68 -1.00 -0.76
CA GLU B 664 20.43 -0.25 -0.75
C GLU B 664 19.29 -1.05 -0.15
N ALA B 665 19.30 -2.37 -0.32
CA ALA B 665 18.33 -3.20 0.37
C ALA B 665 18.63 -3.27 1.85
N VAL B 666 19.91 -3.26 2.21
CA VAL B 666 20.29 -3.22 3.63
C VAL B 666 20.14 -1.80 4.16
N ARG B 667 20.28 -0.78 3.30
CA ARG B 667 19.84 0.56 3.66
C ARG B 667 18.34 0.60 3.84
N ARG B 668 17.59 -0.16 3.04
CA ARG B 668 16.15 -0.26 3.25
C ARG B 668 15.83 -1.09 4.48
N ARG B 669 16.47 -2.26 4.62
CA ARG B 669 16.22 -3.18 5.72
C ARG B 669 17.47 -3.39 6.54
N PRO B 670 17.76 -2.53 7.53
CA PRO B 670 18.85 -2.82 8.47
C PRO B 670 18.49 -3.83 9.55
N TYR B 671 17.27 -4.38 9.53
CA TYR B 671 16.81 -5.38 10.49
C TYR B 671 16.47 -6.68 9.78
N SER B 672 17.35 -7.14 8.91
CA SER B 672 17.10 -8.29 8.06
C SER B 672 18.25 -9.28 8.12
N VAL B 673 17.93 -10.55 7.90
CA VAL B 673 18.92 -11.54 7.55
C VAL B 673 19.38 -11.26 6.13
N ILE B 674 20.63 -11.57 5.82
CA ILE B 674 21.13 -11.41 4.46
C ILE B 674 21.53 -12.77 3.91
N LEU B 675 21.15 -13.01 2.66
CA LEU B 675 21.29 -14.30 2.00
C LEU B 675 22.01 -14.08 0.68
N LEU B 676 23.21 -14.61 0.58
CA LEU B 676 24.12 -14.35 -0.53
C LEU B 676 24.18 -15.64 -1.35
N ASP B 677 23.42 -15.67 -2.43
CA ASP B 677 23.27 -16.88 -3.22
C ASP B 677 24.50 -17.10 -4.08
N GLU B 678 25.10 -18.28 -3.95
CA GLU B 678 26.12 -18.83 -4.85
C GLU B 678 27.35 -17.94 -4.91
N VAL B 679 28.04 -17.89 -3.76
CA VAL B 679 29.16 -16.97 -3.53
C VAL B 679 30.32 -17.26 -4.48
N GLU B 680 30.55 -18.54 -4.79
CA GLU B 680 31.77 -19.04 -5.42
C GLU B 680 32.04 -18.49 -6.82
N LYS B 681 31.03 -17.91 -7.48
CA LYS B 681 31.20 -17.33 -8.80
C LYS B 681 31.66 -15.88 -8.75
N ALA B 682 32.30 -15.48 -7.66
CA ALA B 682 33.02 -14.22 -7.64
C ALA B 682 34.23 -14.31 -8.55
N HIS B 683 34.79 -13.14 -8.83
CA HIS B 683 35.86 -13.03 -9.82
C HIS B 683 37.11 -13.74 -9.30
N PRO B 684 37.84 -14.46 -10.17
CA PRO B 684 39.03 -15.21 -9.72
C PRO B 684 40.17 -14.33 -9.25
N ASP B 685 40.16 -13.03 -9.58
CA ASP B 685 41.11 -12.07 -9.05
C ASP B 685 40.50 -11.13 -8.02
N VAL B 686 39.20 -10.88 -8.10
CA VAL B 686 38.54 -9.85 -7.30
C VAL B 686 37.65 -10.50 -6.24
N PHE B 687 37.88 -10.14 -4.99
CA PHE B 687 37.04 -10.43 -3.83
C PHE B 687 37.21 -9.26 -2.87
N ASN B 688 37.02 -9.54 -1.58
CA ASN B 688 36.80 -8.60 -0.48
C ASN B 688 35.48 -7.86 -0.65
N ILE B 689 34.53 -8.50 -1.32
CA ILE B 689 33.18 -7.98 -1.36
C ILE B 689 32.44 -8.33 -0.08
N LEU B 690 32.90 -9.35 0.64
CA LEU B 690 32.25 -9.82 1.86
C LEU B 690 33.20 -9.86 3.05
N LEU B 691 34.33 -9.17 3.02
CA LEU B 691 35.26 -9.24 4.14
C LEU B 691 35.11 -8.08 5.11
N GLN B 692 34.79 -6.88 4.61
CA GLN B 692 34.60 -5.75 5.52
C GLN B 692 33.29 -5.91 6.28
N VAL B 693 32.31 -6.60 5.69
CA VAL B 693 31.04 -6.83 6.34
C VAL B 693 31.22 -7.77 7.53
N LEU B 694 32.24 -8.62 7.51
CA LEU B 694 32.48 -9.60 8.57
C LEU B 694 33.59 -9.21 9.53
N ASP B 695 34.63 -8.49 9.07
CA ASP B 695 35.76 -8.19 9.95
C ASP B 695 35.45 -7.00 10.86
N ASP B 696 35.19 -5.83 10.29
CA ASP B 696 34.86 -4.65 11.06
C ASP B 696 33.36 -4.44 11.16
N GLY B 697 32.55 -5.31 10.55
CA GLY B 697 31.12 -5.29 10.68
C GLY B 697 30.40 -4.31 9.80
N ARG B 698 31.04 -3.21 9.39
CA ARG B 698 30.41 -2.16 8.61
C ARG B 698 30.86 -2.27 7.15
N LEU B 699 30.10 -1.63 6.27
CA LEU B 699 30.42 -1.63 4.85
C LEU B 699 30.00 -0.30 4.28
N THR B 700 30.81 0.20 3.35
CA THR B 700 30.61 1.52 2.75
C THR B 700 30.29 1.36 1.27
N ASP B 701 29.14 1.85 0.85
CA ASP B 701 28.79 1.87 -0.57
C ASP B 701 29.37 3.14 -1.21
N GLY B 702 29.12 3.33 -2.48
CA GLY B 702 29.47 4.59 -3.11
C GLY B 702 28.30 5.53 -3.17
N GLN B 703 27.82 6.01 -2.03
CA GLN B 703 26.76 7.02 -2.02
C GLN B 703 27.05 8.19 -1.09
N GLY B 704 27.63 7.94 0.06
CA GLY B 704 27.82 8.99 1.06
C GLY B 704 27.65 8.58 2.51
N ARG B 705 26.89 7.52 2.78
CA ARG B 705 26.65 7.07 4.15
C ARG B 705 27.07 5.61 4.30
N THR B 706 27.80 5.31 5.37
CA THR B 706 28.22 3.96 5.65
C THR B 706 27.03 3.09 6.04
N VAL B 707 26.93 1.91 5.46
CA VAL B 707 25.87 0.96 5.75
C VAL B 707 26.29 0.10 6.94
N ASP B 708 25.43 -0.01 7.94
CA ASP B 708 25.70 -0.83 9.12
C ASP B 708 25.08 -2.20 8.97
N PHE B 709 25.87 -3.24 9.22
CA PHE B 709 25.44 -4.62 9.08
C PHE B 709 25.36 -5.34 10.42
N ARG B 710 25.29 -4.58 11.52
CA ARG B 710 25.39 -5.18 12.85
C ARG B 710 24.18 -6.03 13.23
N ASN B 711 23.04 -5.79 12.61
CA ASN B 711 21.80 -6.49 12.94
C ASN B 711 21.45 -7.47 11.83
N THR B 712 22.47 -8.05 11.20
CA THR B 712 22.27 -8.99 10.11
C THR B 712 22.88 -10.34 10.44
N VAL B 713 22.57 -11.33 9.60
CA VAL B 713 23.15 -12.66 9.66
C VAL B 713 23.44 -13.07 8.23
N VAL B 714 24.68 -13.43 7.93
CA VAL B 714 25.00 -13.74 6.54
C VAL B 714 24.71 -15.22 6.27
N ILE B 715 24.19 -15.49 5.08
CA ILE B 715 23.79 -16.83 4.66
C ILE B 715 24.32 -17.06 3.25
N MET B 716 25.32 -17.93 3.11
CA MET B 716 26.10 -18.05 1.89
C MET B 716 25.92 -19.44 1.29
N THR B 717 25.62 -19.49 -0.01
CA THR B 717 25.25 -20.74 -0.67
C THR B 717 26.21 -21.11 -1.80
N SER B 718 27.52 -21.03 -1.53
CA SER B 718 28.56 -21.29 -2.52
C SER B 718 28.63 -22.78 -2.84
N ASN B 719 27.67 -23.23 -3.64
CA ASN B 719 27.58 -24.66 -3.99
C ASN B 719 28.62 -24.96 -5.05
N LEU B 720 29.75 -25.50 -4.60
CA LEU B 720 30.86 -25.87 -5.47
C LEU B 720 31.13 -27.37 -5.47
N GLY B 721 30.84 -28.06 -4.36
CA GLY B 721 31.10 -29.48 -4.28
C GLY B 721 30.03 -30.29 -3.59
N SER B 722 28.87 -29.69 -3.35
CA SER B 722 27.77 -30.35 -2.66
C SER B 722 26.54 -30.51 -3.55
N ASP B 723 26.74 -30.61 -4.86
CA ASP B 723 25.66 -30.86 -5.80
C ASP B 723 25.53 -32.35 -6.14
N LEU B 724 25.82 -33.21 -5.17
CA LEU B 724 25.92 -34.65 -5.37
C LEU B 724 24.97 -35.38 -4.44
N ILE B 725 23.69 -35.00 -4.46
CA ILE B 725 22.69 -35.62 -3.60
C ILE B 725 22.42 -37.08 -3.99
N GLN B 726 22.87 -37.51 -5.17
CA GLN B 726 22.58 -38.83 -5.70
C GLN B 726 23.32 -39.94 -4.96
N GLU B 727 24.38 -39.62 -4.23
CA GLU B 727 25.08 -40.61 -3.42
C GLU B 727 24.29 -40.86 -2.15
N ARG B 728 24.66 -41.89 -1.39
CA ARG B 728 23.86 -42.26 -0.22
C ARG B 728 24.09 -41.27 0.92
N PHE B 729 25.27 -41.34 1.55
CA PHE B 729 25.89 -40.25 2.32
C PHE B 729 25.07 -39.66 3.46
N GLY B 730 23.88 -40.19 3.72
CA GLY B 730 22.91 -39.57 4.60
C GLY B 730 22.09 -40.53 5.44
N GLU B 731 22.65 -41.66 5.85
CA GLU B 731 21.89 -42.63 6.63
C GLU B 731 22.04 -42.42 8.13
N LEU B 732 23.22 -42.00 8.61
CA LEU B 732 23.40 -41.68 10.01
C LEU B 732 24.10 -40.34 10.18
N ASP B 733 24.93 -39.98 9.19
CA ASP B 733 25.68 -38.74 9.20
C ASP B 733 25.35 -37.96 7.93
N TYR B 734 25.41 -36.63 8.05
CA TYR B 734 25.15 -35.75 6.90
C TYR B 734 26.31 -34.81 6.65
N ALA B 735 27.41 -34.97 7.39
CA ALA B 735 28.61 -34.19 7.17
C ALA B 735 29.57 -34.85 6.20
N HIS B 736 29.38 -36.14 5.90
CA HIS B 736 30.27 -36.86 5.00
C HIS B 736 30.10 -36.38 3.56
N MET B 737 28.93 -35.82 3.25
CA MET B 737 28.77 -35.08 2.00
C MET B 737 29.64 -33.83 1.98
N LYS B 738 29.86 -33.20 3.13
CA LYS B 738 30.60 -31.94 3.20
C LYS B 738 32.11 -32.17 3.18
N GLU B 739 32.56 -33.36 3.61
CA GLU B 739 34.01 -33.59 3.77
C GLU B 739 34.75 -33.64 2.44
N LEU B 740 34.08 -33.96 1.34
CA LEU B 740 34.71 -33.87 0.04
C LEU B 740 34.69 -32.45 -0.52
N VAL B 741 34.01 -31.53 0.15
CA VAL B 741 33.90 -30.17 -0.35
C VAL B 741 35.06 -29.32 0.17
N LEU B 742 35.43 -29.49 1.44
CA LEU B 742 36.51 -28.70 2.04
C LEU B 742 37.87 -29.00 1.43
N GLY B 743 38.02 -30.14 0.75
CA GLY B 743 39.19 -30.37 -0.07
C GLY B 743 39.06 -29.83 -1.48
N VAL B 744 37.84 -29.48 -1.91
CA VAL B 744 37.61 -29.06 -3.29
C VAL B 744 37.04 -27.64 -3.39
N VAL B 745 36.49 -27.07 -2.32
CA VAL B 745 35.89 -25.74 -2.43
C VAL B 745 36.94 -24.64 -2.33
N SER B 746 38.13 -24.94 -1.82
CA SER B 746 39.10 -23.92 -1.42
C SER B 746 39.94 -23.37 -2.57
N HIS B 747 39.72 -23.80 -3.81
CA HIS B 747 40.47 -23.19 -4.90
C HIS B 747 39.85 -21.89 -5.38
N ASN B 748 38.55 -21.71 -5.13
CA ASN B 748 37.90 -20.42 -5.37
C ASN B 748 37.67 -19.66 -4.07
N PHE B 749 37.90 -20.31 -2.93
CA PHE B 749 37.88 -19.65 -1.64
C PHE B 749 39.30 -19.26 -1.24
N ARG B 750 39.46 -18.76 -0.01
CA ARG B 750 40.73 -18.32 0.52
C ARG B 750 40.75 -18.64 2.01
N PRO B 751 41.93 -18.77 2.63
CA PRO B 751 41.98 -18.94 4.09
C PRO B 751 41.53 -17.72 4.87
N GLU B 752 41.56 -16.53 4.25
CA GLU B 752 41.22 -15.30 4.96
C GLU B 752 39.72 -15.12 5.15
N PHE B 753 38.91 -15.98 4.55
CA PHE B 753 37.44 -15.84 4.54
C PHE B 753 36.74 -16.86 5.42
N ILE B 754 37.25 -18.09 5.48
CA ILE B 754 36.56 -19.16 6.18
C ILE B 754 36.70 -19.01 7.69
N ASN B 755 37.68 -18.22 8.13
CA ASN B 755 37.80 -17.90 9.56
C ASN B 755 36.65 -17.05 10.05
N ARG B 756 36.12 -16.17 9.19
CA ARG B 756 35.12 -15.21 9.58
C ARG B 756 33.70 -15.75 9.46
N ILE B 757 33.55 -17.07 9.40
CA ILE B 757 32.27 -17.76 9.40
C ILE B 757 32.42 -19.00 10.29
N ASP B 758 31.58 -19.12 11.33
CA ASP B 758 31.89 -20.05 12.43
C ASP B 758 31.48 -21.49 12.14
N GLU B 759 30.21 -21.71 11.78
CA GLU B 759 29.62 -23.05 11.69
C GLU B 759 29.24 -23.28 10.23
N VAL B 760 29.90 -24.23 9.58
CA VAL B 760 29.54 -24.64 8.23
C VAL B 760 28.38 -25.61 8.30
N VAL B 761 27.16 -25.10 8.21
CA VAL B 761 25.96 -25.91 8.46
C VAL B 761 25.51 -26.55 7.16
N VAL B 762 25.50 -27.88 7.13
CA VAL B 762 25.14 -28.62 5.93
C VAL B 762 23.62 -28.68 5.81
N PHE B 763 23.11 -28.52 4.59
CA PHE B 763 21.71 -28.73 4.30
C PHE B 763 21.32 -30.19 4.58
N HIS B 764 20.35 -30.39 5.46
CA HIS B 764 19.76 -31.71 5.62
C HIS B 764 18.96 -32.03 4.36
N PRO B 765 19.05 -33.26 3.84
CA PRO B 765 18.50 -33.55 2.52
C PRO B 765 16.98 -33.65 2.54
N LEU B 766 16.40 -33.59 1.35
CA LEU B 766 14.96 -33.76 1.16
C LEU B 766 14.71 -35.25 0.88
N GLY B 767 14.28 -35.98 1.89
CA GLY B 767 13.93 -37.37 1.71
C GLY B 767 12.65 -37.54 0.90
N GLU B 768 12.36 -38.79 0.54
CA GLU B 768 11.19 -39.04 -0.28
C GLU B 768 9.91 -39.03 0.55
N GLN B 769 9.95 -39.62 1.75
CA GLN B 769 8.78 -39.57 2.63
C GLN B 769 8.53 -38.18 3.19
N HIS B 770 9.57 -37.33 3.20
CA HIS B 770 9.47 -35.98 3.75
C HIS B 770 8.84 -34.99 2.79
N ILE B 771 8.58 -35.40 1.54
CA ILE B 771 7.83 -34.54 0.63
C ILE B 771 6.38 -34.45 1.06
N ALA B 772 5.85 -35.53 1.64
CA ALA B 772 4.42 -35.65 1.95
C ALA B 772 3.96 -34.77 3.10
N SER B 773 4.85 -33.99 3.70
CA SER B 773 4.49 -33.01 4.71
C SER B 773 4.39 -31.60 4.16
N ILE B 774 5.22 -31.26 3.18
CA ILE B 774 5.41 -29.89 2.72
C ILE B 774 5.01 -29.69 1.28
N ALA B 775 4.30 -30.65 0.68
CA ALA B 775 3.83 -30.50 -0.69
C ALA B 775 2.37 -30.06 -0.76
N GLN B 776 1.64 -30.13 0.34
CA GLN B 776 0.22 -29.79 0.35
C GLN B 776 -0.02 -28.30 0.49
N ILE B 777 1.03 -27.52 0.75
CA ILE B 777 0.91 -26.07 0.85
C ILE B 777 1.00 -25.38 -0.50
N GLN B 778 1.19 -26.14 -1.59
CA GLN B 778 1.02 -25.61 -2.93
C GLN B 778 -0.42 -25.71 -3.39
N LEU B 779 -1.18 -26.65 -2.85
CA LEU B 779 -2.52 -26.97 -3.33
C LEU B 779 -3.59 -26.00 -2.82
N LYS B 780 -3.20 -24.93 -2.11
CA LYS B 780 -4.15 -24.17 -1.30
C LYS B 780 -5.10 -23.30 -2.11
N ARG B 781 -4.78 -23.01 -3.37
CA ARG B 781 -5.72 -22.26 -4.20
C ARG B 781 -6.88 -23.13 -4.63
N LEU B 782 -6.60 -24.41 -4.94
CA LEU B 782 -7.68 -25.36 -5.16
C LEU B 782 -8.36 -25.74 -3.86
N TYR B 783 -7.63 -25.66 -2.73
CA TYR B 783 -8.28 -25.77 -1.42
C TYR B 783 -9.18 -24.58 -1.15
N LYS B 784 -8.87 -23.41 -1.72
CA LYS B 784 -9.78 -22.29 -1.69
C LYS B 784 -10.95 -22.52 -2.64
N ARG B 785 -10.74 -23.35 -3.66
CA ARG B 785 -11.75 -23.56 -4.69
C ARG B 785 -12.76 -24.64 -4.30
N LEU B 786 -12.33 -25.72 -3.64
CA LEU B 786 -13.19 -26.86 -3.37
C LEU B 786 -14.29 -26.59 -2.35
N GLU B 787 -14.08 -25.63 -1.45
CA GLU B 787 -15.11 -25.25 -0.50
C GLU B 787 -16.07 -24.21 -1.07
N GLU B 788 -15.80 -23.70 -2.28
CA GLU B 788 -16.66 -22.71 -2.92
C GLU B 788 -17.75 -23.31 -3.78
N ARG B 789 -17.71 -24.62 -4.04
CA ARG B 789 -18.62 -25.26 -4.99
C ARG B 789 -19.45 -26.38 -4.40
N GLY B 790 -19.25 -26.73 -3.12
CA GLY B 790 -20.08 -27.73 -2.48
C GLY B 790 -19.85 -29.15 -2.90
N TYR B 791 -18.72 -29.44 -3.55
CA TYR B 791 -18.43 -30.78 -4.03
C TYR B 791 -17.27 -31.36 -3.23
N GLU B 792 -17.19 -32.70 -3.25
CA GLU B 792 -16.20 -33.42 -2.49
C GLU B 792 -15.43 -34.33 -3.43
N ILE B 793 -14.15 -34.02 -3.61
CA ILE B 793 -13.28 -34.76 -4.51
C ILE B 793 -12.10 -35.18 -3.64
N HIS B 794 -12.35 -35.27 -2.34
CA HIS B 794 -11.29 -35.64 -1.39
C HIS B 794 -10.89 -37.09 -1.59
N ILE B 795 -9.60 -37.35 -1.45
CA ILE B 795 -8.95 -38.47 -2.12
C ILE B 795 -8.85 -39.65 -1.17
N SER B 796 -8.57 -40.81 -1.76
CA SER B 796 -8.06 -41.99 -1.04
C SER B 796 -6.96 -42.57 -1.94
N ASP B 797 -5.74 -42.06 -1.78
CA ASP B 797 -4.54 -42.49 -2.51
C ASP B 797 -4.71 -42.37 -4.03
N GLU B 798 -5.07 -41.17 -4.50
CA GLU B 798 -5.12 -40.91 -5.94
C GLU B 798 -4.42 -39.65 -6.38
N ALA B 799 -4.01 -38.78 -5.46
CA ALA B 799 -3.31 -37.56 -5.84
C ALA B 799 -1.99 -37.36 -5.11
N LEU B 800 -1.59 -38.28 -4.22
CA LEU B 800 -0.32 -38.12 -3.52
C LEU B 800 0.84 -38.79 -4.23
N LYS B 801 0.56 -39.68 -5.18
CA LYS B 801 1.64 -40.38 -5.88
C LYS B 801 2.37 -39.47 -6.86
N LEU B 802 1.70 -38.42 -7.32
CA LEU B 802 2.33 -37.41 -8.16
C LEU B 802 2.92 -36.25 -7.36
N LEU B 803 2.46 -36.06 -6.13
CA LEU B 803 3.10 -35.15 -5.18
C LEU B 803 4.37 -35.74 -4.58
N SER B 804 4.64 -37.02 -4.82
CA SER B 804 5.90 -37.66 -4.46
C SER B 804 6.89 -37.66 -5.61
N GLU B 805 6.74 -36.74 -6.54
CA GLU B 805 7.63 -36.59 -7.68
C GLU B 805 7.97 -35.11 -7.82
N ASN B 806 8.40 -34.50 -6.72
CA ASN B 806 8.87 -33.12 -6.72
C ASN B 806 10.07 -33.03 -5.77
N GLY B 807 11.24 -32.81 -6.32
CA GLY B 807 12.47 -32.92 -5.55
C GLY B 807 12.99 -34.35 -5.52
N TYR B 808 14.13 -34.51 -4.85
CA TYR B 808 14.83 -35.80 -4.70
C TYR B 808 15.18 -36.37 -6.07
N ASP B 809 16.07 -35.67 -6.77
CA ASP B 809 16.33 -35.86 -8.19
C ASP B 809 17.68 -36.52 -8.43
N PRO B 810 17.78 -37.39 -9.43
CA PRO B 810 19.09 -37.93 -9.83
C PRO B 810 19.81 -37.16 -10.92
N VAL B 811 19.10 -36.49 -11.84
CA VAL B 811 19.77 -35.99 -13.03
C VAL B 811 19.55 -34.50 -13.29
N TYR B 812 18.29 -34.04 -13.27
CA TYR B 812 17.94 -32.72 -13.77
C TYR B 812 17.53 -31.74 -12.68
N GLY B 813 16.49 -32.03 -11.91
CA GLY B 813 16.08 -31.10 -10.87
C GLY B 813 14.58 -31.00 -10.78
N ALA B 814 14.12 -30.06 -9.95
CA ALA B 814 12.72 -29.90 -9.60
C ALA B 814 11.99 -28.92 -10.50
N ARG B 815 12.69 -28.36 -11.49
CA ARG B 815 12.06 -27.47 -12.45
C ARG B 815 11.24 -28.21 -13.51
N PRO B 816 11.66 -29.34 -14.09
CA PRO B 816 10.70 -30.14 -14.86
C PRO B 816 9.98 -31.21 -14.03
N LEU B 817 10.37 -31.40 -12.77
CA LEU B 817 9.69 -32.32 -11.88
C LEU B 817 8.40 -31.74 -11.35
N LYS B 818 8.22 -30.42 -11.45
CA LYS B 818 6.95 -29.79 -11.11
C LYS B 818 5.85 -30.13 -12.11
N ARG B 819 6.22 -30.51 -13.33
CA ARG B 819 5.30 -30.89 -14.39
C ARG B 819 4.92 -32.38 -14.35
N ALA B 820 5.06 -33.02 -13.20
CA ALA B 820 4.51 -34.36 -12.98
C ALA B 820 3.09 -34.32 -12.47
N ILE B 821 2.48 -33.12 -12.44
CA ILE B 821 1.17 -32.89 -11.84
C ILE B 821 0.20 -32.30 -12.86
N GLN B 822 0.66 -31.32 -13.65
CA GLN B 822 -0.25 -30.52 -14.46
C GLN B 822 -0.77 -31.27 -15.68
N GLN B 823 0.07 -32.13 -16.28
CA GLN B 823 -0.28 -32.73 -17.56
C GLN B 823 -1.11 -34.01 -17.42
N GLN B 824 -1.43 -34.46 -16.21
CA GLN B 824 -2.23 -35.67 -16.05
C GLN B 824 -3.37 -35.56 -15.02
N ILE B 825 -3.42 -34.51 -14.20
CA ILE B 825 -4.53 -34.29 -13.27
C ILE B 825 -5.26 -32.98 -13.58
N GLU B 826 -4.53 -31.89 -13.75
CA GLU B 826 -5.16 -30.58 -13.80
C GLU B 826 -5.90 -30.34 -15.12
N ASN B 827 -5.49 -31.00 -16.20
CA ASN B 827 -6.23 -30.83 -17.45
C ASN B 827 -7.57 -31.57 -17.48
N PRO B 828 -7.66 -32.91 -17.33
CA PRO B 828 -8.96 -33.55 -17.62
C PRO B 828 -9.92 -33.72 -16.44
N LEU B 829 -9.49 -33.48 -15.20
CA LEU B 829 -10.33 -33.74 -14.03
C LEU B 829 -11.08 -32.53 -13.53
N ALA B 830 -10.47 -31.35 -13.54
CA ALA B 830 -11.13 -30.13 -13.11
C ALA B 830 -11.24 -29.11 -14.24
N GLN B 831 -11.49 -29.58 -15.46
CA GLN B 831 -12.00 -28.72 -16.52
C GLN B 831 -13.51 -28.80 -16.61
N GLN B 832 -14.13 -29.76 -15.92
CA GLN B 832 -15.57 -29.85 -15.79
C GLN B 832 -16.08 -29.13 -14.55
N ILE B 833 -15.30 -28.20 -14.00
CA ILE B 833 -15.68 -27.48 -12.79
C ILE B 833 -16.11 -26.03 -13.06
N LEU B 834 -15.71 -25.45 -14.19
CA LEU B 834 -16.28 -24.16 -14.57
C LEU B 834 -17.44 -24.30 -15.54
N SER B 835 -17.71 -25.51 -16.01
CA SER B 835 -18.78 -25.73 -16.98
C SER B 835 -20.12 -25.99 -16.28
#